data_3UYB
# 
_entry.id   3UYB 
# 
_audit_conform.dict_name       mmcif_pdbx.dic 
_audit_conform.dict_version    5.388 
_audit_conform.dict_location   http://mmcif.pdb.org/dictionaries/ascii/mmcif_pdbx.dic 
# 
loop_
_database_2.database_id 
_database_2.database_code 
_database_2.pdbx_database_accession 
_database_2.pdbx_DOI 
PDB   3UYB         pdb_00003uyb 10.2210/pdb3uyb/pdb 
NDB   NA1477       ?            ?                   
RCSB  RCSB069361   ?            ?                   
WWPDB D_1000069361 ?            ?                   
# 
loop_
_pdbx_audit_revision_history.ordinal 
_pdbx_audit_revision_history.data_content_type 
_pdbx_audit_revision_history.major_revision 
_pdbx_audit_revision_history.minor_revision 
_pdbx_audit_revision_history.revision_date 
1 'Structure model' 1 0 2013-01-16 
2 'Structure model' 1 1 2015-04-29 
3 'Structure model' 1 2 2017-11-08 
4 'Structure model' 1 3 2024-03-20 
# 
_pdbx_audit_revision_details.ordinal             1 
_pdbx_audit_revision_details.revision_ordinal    1 
_pdbx_audit_revision_details.data_content_type   'Structure model' 
_pdbx_audit_revision_details.provider            repository 
_pdbx_audit_revision_details.type                'Initial release' 
_pdbx_audit_revision_details.description         ? 
_pdbx_audit_revision_details.details             ? 
# 
loop_
_pdbx_audit_revision_group.ordinal 
_pdbx_audit_revision_group.revision_ordinal 
_pdbx_audit_revision_group.data_content_type 
_pdbx_audit_revision_group.group 
1 2 'Structure model' Other                    
2 3 'Structure model' 'Refinement description' 
3 4 'Structure model' 'Data collection'        
4 4 'Structure model' 'Database references'    
5 4 'Structure model' 'Derived calculations'   
# 
loop_
_pdbx_audit_revision_category.ordinal 
_pdbx_audit_revision_category.revision_ordinal 
_pdbx_audit_revision_category.data_content_type 
_pdbx_audit_revision_category.category 
1 3 'Structure model' software               
2 4 'Structure model' chem_comp_atom         
3 4 'Structure model' chem_comp_bond         
4 4 'Structure model' database_2             
5 4 'Structure model' pdbx_struct_conn_angle 
6 4 'Structure model' struct_conn            
7 4 'Structure model' struct_site            
# 
loop_
_pdbx_audit_revision_item.ordinal 
_pdbx_audit_revision_item.revision_ordinal 
_pdbx_audit_revision_item.data_content_type 
_pdbx_audit_revision_item.item 
1  3 'Structure model' '_software.classification'                    
2  3 'Structure model' '_software.name'                              
3  3 'Structure model' '_software.version'                           
4  4 'Structure model' '_database_2.pdbx_DOI'                        
5  4 'Structure model' '_database_2.pdbx_database_accession'         
6  4 'Structure model' '_pdbx_struct_conn_angle.ptnr1_auth_comp_id'  
7  4 'Structure model' '_pdbx_struct_conn_angle.ptnr1_auth_seq_id'   
8  4 'Structure model' '_pdbx_struct_conn_angle.ptnr1_label_asym_id' 
9  4 'Structure model' '_pdbx_struct_conn_angle.ptnr1_label_atom_id' 
10 4 'Structure model' '_pdbx_struct_conn_angle.ptnr1_label_comp_id' 
11 4 'Structure model' '_pdbx_struct_conn_angle.ptnr1_label_seq_id'  
12 4 'Structure model' '_pdbx_struct_conn_angle.ptnr3_auth_comp_id'  
13 4 'Structure model' '_pdbx_struct_conn_angle.ptnr3_auth_seq_id'   
14 4 'Structure model' '_pdbx_struct_conn_angle.ptnr3_label_asym_id' 
15 4 'Structure model' '_pdbx_struct_conn_angle.ptnr3_label_atom_id' 
16 4 'Structure model' '_pdbx_struct_conn_angle.ptnr3_label_comp_id' 
17 4 'Structure model' '_pdbx_struct_conn_angle.ptnr3_label_seq_id'  
18 4 'Structure model' '_pdbx_struct_conn_angle.value'               
19 4 'Structure model' '_struct_conn.pdbx_dist_value'                
20 4 'Structure model' '_struct_conn.ptnr1_auth_comp_id'             
21 4 'Structure model' '_struct_conn.ptnr1_auth_seq_id'              
22 4 'Structure model' '_struct_conn.ptnr1_label_asym_id'            
23 4 'Structure model' '_struct_conn.ptnr1_label_atom_id'            
24 4 'Structure model' '_struct_conn.ptnr1_label_comp_id'            
25 4 'Structure model' '_struct_conn.ptnr1_label_seq_id'             
26 4 'Structure model' '_struct_conn.ptnr2_auth_comp_id'             
27 4 'Structure model' '_struct_conn.ptnr2_auth_seq_id'              
28 4 'Structure model' '_struct_conn.ptnr2_label_asym_id'            
29 4 'Structure model' '_struct_conn.ptnr2_label_atom_id'            
30 4 'Structure model' '_struct_conn.ptnr2_label_comp_id'            
31 4 'Structure model' '_struct_site.pdbx_auth_asym_id'              
32 4 'Structure model' '_struct_site.pdbx_auth_comp_id'              
33 4 'Structure model' '_struct_site.pdbx_auth_seq_id'               
# 
_pdbx_database_PDB_obs_spr.id               SPRSDE 
_pdbx_database_PDB_obs_spr.date             2015-04-29 
_pdbx_database_PDB_obs_spr.pdb_id           3UYB 
_pdbx_database_PDB_obs_spr.replace_pdb_id   3UYA 
_pdbx_database_PDB_obs_spr.details          ? 
# 
_pdbx_database_status.status_code                     REL 
_pdbx_database_status.entry_id                        3UYB 
_pdbx_database_status.recvd_initial_deposition_date   2011-12-06 
_pdbx_database_status.deposit_site                    RCSB 
_pdbx_database_status.process_site                    PDBJ 
_pdbx_database_status.status_code_sf                  REL 
_pdbx_database_status.status_code_mr                  ? 
_pdbx_database_status.SG_entry                        ? 
_pdbx_database_status.status_code_cs                  ? 
_pdbx_database_status.methods_development_category    ? 
_pdbx_database_status.pdb_format_compatible           Y 
_pdbx_database_status.status_code_nmr_data            ? 
# 
loop_
_pdbx_database_related.db_name 
_pdbx_database_related.db_id 
_pdbx_database_related.details 
_pdbx_database_related.content_type 
PDB 3QRN 'X-ray crystal structure of the ruthenium complex [Ru(tap)2(dppz)]2+ bound to d(TCGGCGCCGA)at high resolution.'    
unspecified 
PDB 3QF8 'X-ray crystal structure of the ruthenium complex [Ru(tap)2(dppz)]2+ bound to d(TCGGCGCCGA) at medium resolution.' 
unspecified 
PDB 3GOM 'Barium bound to the Holliday junction sequence d(TCGGCGCCGA)4.'                                                   
unspecified 
PDB 3UYA .                                                                                                                  
unspecified 
# 
loop_
_audit_author.name 
_audit_author.pdbx_ordinal 
'Niyazi, H.N.'    1 
'Texeira, S.C.M.' 2 
'Mitchell, E.P.'  3 
'Cardin, J.C.'    4 
'Forsyth, V.T.'   5 
# 
_citation.id                        primary 
_citation.title                     
'Crystal structure of lambda-[Ru(TAP)2(dppz)]2+ with d(TCGGTACCGA)2 displaying kinking of DNA via semiintercalation.' 
_citation.journal_abbrev            'To be Published' 
_citation.journal_volume            ? 
_citation.page_first                ? 
_citation.page_last                 ? 
_citation.year                      ? 
_citation.journal_id_ASTM           ? 
_citation.country                   ? 
_citation.journal_id_ISSN           ? 
_citation.journal_id_CSD            0353 
_citation.book_publisher            ? 
_citation.pdbx_database_id_PubMed   ? 
_citation.pdbx_database_id_DOI      ? 
# 
loop_
_citation_author.citation_id 
_citation_author.name 
_citation_author.ordinal 
_citation_author.identifier_ORCID 
primary 'Niyazi, H.N.'    1 ? 
primary 
;O'Sullivan, K.
;
2 ? 
primary 'Texeira, S.C.M.' 3 ? 
primary 'Mitchell, E.P.'  4 ? 
primary 'Kelly, J.M.'     5 ? 
primary 'Cardin, J.C.'    6 ? 
primary 'Forsyth, V.T.'   7 ? 
# 
loop_
_entity.id 
_entity.type 
_entity.src_method 
_entity.pdbx_description 
_entity.formula_weight 
_entity.pdbx_number_of_molecules 
_entity.pdbx_ec 
_entity.pdbx_mutation 
_entity.pdbx_fragment 
_entity.details 
1 polymer     syn "5'-D(*TP*CP*GP*GP*TP*AP*CP*CP*GP*A)-3'" 3045.005 1  ? ? ? ? 
2 non-polymer syn 'Ru(tap)2(dppz) complex'                 747.732  2  ? ? ? ? 
3 non-polymer syn 'BARIUM ION'                             137.327  1  ? ? ? ? 
4 water       nat water                                    18.015   66 ? ? ? ? 
# 
_entity_poly.entity_id                      1 
_entity_poly.type                           polydeoxyribonucleotide 
_entity_poly.nstd_linkage                   no 
_entity_poly.nstd_monomer                   no 
_entity_poly.pdbx_seq_one_letter_code       '(DT)(DC)(DG)(DG)(DT)(DA)(DC)(DC)(DG)(DA)' 
_entity_poly.pdbx_seq_one_letter_code_can   TCGGTACCGA 
_entity_poly.pdbx_strand_id                 A 
_entity_poly.pdbx_target_identifier         ? 
# 
loop_
_pdbx_entity_nonpoly.entity_id 
_pdbx_entity_nonpoly.name 
_pdbx_entity_nonpoly.comp_id 
2 'Ru(tap)2(dppz) complex' RKL 
3 'BARIUM ION'             BA  
4 water                    HOH 
# 
loop_
_entity_poly_seq.entity_id 
_entity_poly_seq.num 
_entity_poly_seq.mon_id 
_entity_poly_seq.hetero 
1 1  DT n 
1 2  DC n 
1 3  DG n 
1 4  DG n 
1 5  DT n 
1 6  DA n 
1 7  DC n 
1 8  DC n 
1 9  DG n 
1 10 DA n 
# 
loop_
_chem_comp.id 
_chem_comp.type 
_chem_comp.mon_nstd_flag 
_chem_comp.name 
_chem_comp.pdbx_synonyms 
_chem_comp.formula 
_chem_comp.formula_weight 
BA  non-polymer   . 'BARIUM ION'                         ? 'Ba 2'             137.327 
DA  'DNA linking' y "2'-DEOXYADENOSINE-5'-MONOPHOSPHATE" ? 'C10 H14 N5 O6 P'  331.222 
DC  'DNA linking' y "2'-DEOXYCYTIDINE-5'-MONOPHOSPHATE"  ? 'C9 H14 N3 O7 P'   307.197 
DG  'DNA linking' y "2'-DEOXYGUANOSINE-5'-MONOPHOSPHATE" ? 'C10 H14 N5 O7 P'  347.221 
DT  'DNA linking' y "THYMIDINE-5'-MONOPHOSPHATE"         ? 'C10 H15 N2 O8 P'  322.208 
HOH non-polymer   . WATER                                ? 'H2 O'             18.015  
RKL non-polymer   . 'Ru(tap)2(dppz) complex'             ? 'C38 H22 N12 Ru 2' 747.732 
# 
loop_
_pdbx_poly_seq_scheme.asym_id 
_pdbx_poly_seq_scheme.entity_id 
_pdbx_poly_seq_scheme.seq_id 
_pdbx_poly_seq_scheme.mon_id 
_pdbx_poly_seq_scheme.ndb_seq_num 
_pdbx_poly_seq_scheme.pdb_seq_num 
_pdbx_poly_seq_scheme.auth_seq_num 
_pdbx_poly_seq_scheme.pdb_mon_id 
_pdbx_poly_seq_scheme.auth_mon_id 
_pdbx_poly_seq_scheme.pdb_strand_id 
_pdbx_poly_seq_scheme.pdb_ins_code 
_pdbx_poly_seq_scheme.hetero 
A 1 1  DT 1  1  1  DT DT A . n 
A 1 2  DC 2  2  2  DC DC A . n 
A 1 3  DG 3  3  3  DG DG A . n 
A 1 4  DG 4  4  4  DG DG A . n 
A 1 5  DT 5  5  5  DT DT A . n 
A 1 6  DA 6  6  6  DA DA A . n 
A 1 7  DC 7  7  7  DC DC A . n 
A 1 8  DC 8  8  8  DC DC A . n 
A 1 9  DG 9  9  9  DG DG A . n 
A 1 10 DA 10 10 10 DA DA A . n 
# 
loop_
_pdbx_nonpoly_scheme.asym_id 
_pdbx_nonpoly_scheme.entity_id 
_pdbx_nonpoly_scheme.mon_id 
_pdbx_nonpoly_scheme.ndb_seq_num 
_pdbx_nonpoly_scheme.pdb_seq_num 
_pdbx_nonpoly_scheme.auth_seq_num 
_pdbx_nonpoly_scheme.pdb_mon_id 
_pdbx_nonpoly_scheme.auth_mon_id 
_pdbx_nonpoly_scheme.pdb_strand_id 
_pdbx_nonpoly_scheme.pdb_ins_code 
B 2 RKL 1  11 11 RKL RKL A . 
C 2 RKL 1  12 12 RKL RKL A . 
D 3 BA  1  13 1  BA  BA  A . 
E 4 HOH 1  14 14 HOH HOH A . 
E 4 HOH 2  15 15 HOH HOH A . 
E 4 HOH 3  16 16 HOH HOH A . 
E 4 HOH 4  17 17 HOH HOH A . 
E 4 HOH 5  18 18 HOH HOH A . 
E 4 HOH 6  19 19 HOH HOH A . 
E 4 HOH 7  20 1  HOH HOH A . 
E 4 HOH 8  21 21 HOH HOH A . 
E 4 HOH 9  22 22 HOH HOH A . 
E 4 HOH 10 23 23 HOH HOH A . 
E 4 HOH 11 24 24 HOH HOH A . 
E 4 HOH 12 25 25 HOH HOH A . 
E 4 HOH 13 26 26 HOH HOH A . 
E 4 HOH 14 27 27 HOH HOH A . 
E 4 HOH 15 28 2  HOH HOH A . 
E 4 HOH 16 29 29 HOH HOH A . 
E 4 HOH 17 30 30 HOH HOH A . 
E 4 HOH 18 31 31 HOH HOH A . 
E 4 HOH 19 32 32 HOH HOH A . 
E 4 HOH 20 33 33 HOH HOH A . 
E 4 HOH 21 34 34 HOH HOH A . 
E 4 HOH 22 35 3  HOH HOH A . 
E 4 HOH 23 36 36 HOH HOH A . 
E 4 HOH 24 37 37 HOH HOH A . 
E 4 HOH 25 38 38 HOH HOH A . 
E 4 HOH 26 39 39 HOH HOH A . 
E 4 HOH 27 40 40 HOH HOH A . 
E 4 HOH 28 41 41 HOH HOH A . 
E 4 HOH 29 42 42 HOH HOH A . 
E 4 HOH 30 43 43 HOH HOH A . 
E 4 HOH 31 44 44 HOH HOH A . 
E 4 HOH 32 45 4  HOH HOH A . 
E 4 HOH 33 46 46 HOH HOH A . 
E 4 HOH 34 47 47 HOH HOH A . 
E 4 HOH 35 48 48 HOH HOH A . 
E 4 HOH 36 49 5  HOH HOH A . 
E 4 HOH 37 50 6  HOH HOH A . 
E 4 HOH 38 51 7  HOH HOH A . 
E 4 HOH 39 52 52 HOH HOH A . 
E 4 HOH 40 53 53 HOH HOH A . 
E 4 HOH 41 54 54 HOH HOH A . 
E 4 HOH 42 55 8  HOH HOH A . 
E 4 HOH 43 56 56 HOH HOH A . 
E 4 HOH 44 57 9  HOH HOH A . 
E 4 HOH 45 58 58 HOH HOH A . 
E 4 HOH 46 59 10 HOH HOH A . 
E 4 HOH 47 60 60 HOH HOH A . 
E 4 HOH 48 61 12 HOH HOH A . 
E 4 HOH 49 62 62 HOH HOH A . 
E 4 HOH 50 66 66 HOH HOH A . 
E 4 HOH 51 67 67 HOH HOH A . 
E 4 HOH 52 72 72 HOH HOH A . 
E 4 HOH 53 73 73 HOH HOH A . 
E 4 HOH 54 74 74 HOH HOH A . 
E 4 HOH 55 75 75 HOH HOH A . 
E 4 HOH 56 76 76 HOH HOH A . 
E 4 HOH 57 78 78 HOH HOH A . 
E 4 HOH 58 79 79 HOH HOH A . 
E 4 HOH 59 80 80 HOH HOH A . 
E 4 HOH 60 81 81 HOH HOH A . 
E 4 HOH 61 82 82 HOH HOH A . 
E 4 HOH 62 83 83 HOH HOH A . 
E 4 HOH 63 84 84 HOH HOH A . 
E 4 HOH 64 85 85 HOH HOH A . 
E 4 HOH 65 86 86 HOH HOH A . 
E 4 HOH 66 87 87 HOH HOH A . 
# 
loop_
_software.name 
_software.classification 
_software.version 
_software.citation_id 
_software.pdbx_ordinal 
MxCuBE  'data collection' .        ? 1 
SHELXCD phasing           .        ? 2 
SHELXE  'model building'  .        ? 3 
REFMAC  refinement        5.6.0117 ? 4 
XDS     'data reduction'  .        ? 5 
SCALA   'data scaling'    .        ? 6 
# 
_cell.entry_id           3UYB 
_cell.length_a           54.376 
_cell.length_b           54.376 
_cell.length_c           28.995 
_cell.angle_alpha        90.00 
_cell.angle_beta         90.00 
_cell.angle_gamma        90.00 
_cell.Z_PDB              8 
_cell.pdbx_unique_axis   ? 
_cell.length_a_esd       ? 
_cell.length_b_esd       ? 
_cell.length_c_esd       ? 
_cell.angle_alpha_esd    ? 
_cell.angle_beta_esd     ? 
_cell.angle_gamma_esd    ? 
# 
_symmetry.entry_id                         3UYB 
_symmetry.space_group_name_H-M             'P 43 21 2' 
_symmetry.pdbx_full_space_group_name_H-M   ? 
_symmetry.cell_setting                     ? 
_symmetry.Int_Tables_number                96 
_symmetry.space_group_name_Hall            ? 
# 
_exptl.entry_id          3UYB 
_exptl.method            'X-RAY DIFFRACTION' 
_exptl.crystals_number   1 
# 
_exptl_crystal.id                    1 
_exptl_crystal.density_meas          ? 
_exptl_crystal.density_Matthews      3.52 
_exptl_crystal.density_percent_sol   65.05 
_exptl_crystal.description           ? 
_exptl_crystal.F_000                 ? 
_exptl_crystal.preparation           ? 
# 
_exptl_crystal_grow.crystal_id      1 
_exptl_crystal_grow.method          'VAPOR DIFFUSION, SITTING DROP' 
_exptl_crystal_grow.temp            298 
_exptl_crystal_grow.temp_details    ? 
_exptl_crystal_grow.pH              7.0 
_exptl_crystal_grow.pdbx_details    
;10%(v/v) 2-methyl-2,4-pentanediol, 40mM sodium cacodylate, 12mM spermine tetra-HCl, 80mM sodium chloride, 20mM barium chloride, 1mM DNA d(TCGGTACCGA), 1mM lambda-[Ru(tap)2dppz)Cl2 , pH 7.0, VAPOR DIFFUSION, SITTING DROP, temperature 298K
;
_exptl_crystal_grow.pdbx_pH_range   . 
# 
_diffrn.id                     1 
_diffrn.ambient_temp           100 
_diffrn.ambient_temp_details   ? 
_diffrn.crystal_id             1 
# 
_diffrn_detector.diffrn_id              1 
_diffrn_detector.detector               PIXEL 
_diffrn_detector.type                   'PSI PILATUS 6M' 
_diffrn_detector.pdbx_collection_date   2011-06-12 
_diffrn_detector.details                ? 
# 
_diffrn_radiation.diffrn_id                        1 
_diffrn_radiation.wavelength_id                    1 
_diffrn_radiation.pdbx_monochromatic_or_laue_m_l   M 
_diffrn_radiation.monochromator                    'Si(111)' 
_diffrn_radiation.pdbx_diffrn_protocol             'SINGLE WAVELENGTH' 
_diffrn_radiation.pdbx_scattering_type             x-ray 
# 
_diffrn_radiation_wavelength.id           1 
_diffrn_radiation_wavelength.wavelength   0.98400 
_diffrn_radiation_wavelength.wt           1.0 
# 
_diffrn_source.diffrn_id                   1 
_diffrn_source.source                      SYNCHROTRON 
_diffrn_source.type                        'ESRF BEAMLINE ID29' 
_diffrn_source.pdbx_synchrotron_site       ESRF 
_diffrn_source.pdbx_synchrotron_beamline   ID29 
_diffrn_source.pdbx_wavelength             ? 
_diffrn_source.pdbx_wavelength_list        0.98400 
# 
_reflns.entry_id                     3UYB 
_reflns.observed_criterion_sigma_I   1.7 
_reflns.observed_criterion_sigma_F   1.7 
_reflns.d_resolution_low             38.45 
_reflns.d_resolution_high            1.50 
_reflns.number_obs                   7382 
_reflns.number_all                   ? 
_reflns.percent_possible_obs         99.9 
_reflns.pdbx_Rmerge_I_obs            ? 
_reflns.pdbx_Rsym_value              ? 
_reflns.pdbx_netI_over_sigmaI        ? 
_reflns.B_iso_Wilson_estimate        ? 
_reflns.pdbx_redundancy              ? 
_reflns.R_free_details               ? 
_reflns.limit_h_max                  ? 
_reflns.limit_h_min                  ? 
_reflns.limit_k_max                  ? 
_reflns.limit_k_min                  ? 
_reflns.limit_l_max                  ? 
_reflns.limit_l_min                  ? 
_reflns.observed_criterion_F_max     ? 
_reflns.observed_criterion_F_min     ? 
_reflns.pdbx_chi_squared             ? 
_reflns.pdbx_scaling_rejects         ? 
_reflns.pdbx_ordinal                 1 
_reflns.pdbx_diffrn_id               1 
# 
_reflns_shell.d_res_high                  1.50 
_reflns_shell.d_res_low                   1.58 
_reflns_shell.percent_possible_all        100 
_reflns_shell.Rmerge_I_obs                ? 
_reflns_shell.pdbx_Rsym_value             ? 
_reflns_shell.meanI_over_sigI_obs         ? 
_reflns_shell.pdbx_redundancy             ? 
_reflns_shell.percent_possible_obs        ? 
_reflns_shell.number_unique_all           ? 
_reflns_shell.number_measured_all         ? 
_reflns_shell.number_measured_obs         ? 
_reflns_shell.number_unique_obs           ? 
_reflns_shell.pdbx_chi_squared            ? 
_reflns_shell.pdbx_rejects                ? 
_reflns_shell.pdbx_netI_over_sigmaI_obs   ? 
_reflns_shell.number_possible             ? 
_reflns_shell.Rmerge_F_all                ? 
_reflns_shell.Rmerge_F_obs                ? 
_reflns_shell.Rmerge_I_all                ? 
_reflns_shell.meanI_over_sigI_all         ? 
_reflns_shell.pdbx_Rrim_I_all             ? 
_reflns_shell.pdbx_Rpim_I_all             ? 
_reflns_shell.pdbx_ordinal                1 
_reflns_shell.pdbx_diffrn_id              1 
# 
_refine.entry_id                                 3UYB 
_refine.ls_number_reflns_obs                     6591 
_refine.ls_number_reflns_all                     ? 
_refine.pdbx_ls_sigma_I                          ? 
_refine.pdbx_ls_sigma_F                          1.7 
_refine.pdbx_data_cutoff_high_absF               ? 
_refine.pdbx_data_cutoff_low_absF                ? 
_refine.pdbx_data_cutoff_high_rms_absF           ? 
_refine.ls_d_res_low                             38.45 
_refine.ls_d_res_high                            1.50 
_refine.ls_percent_reflns_obs                    93.76 
_refine.ls_R_factor_obs                          0.12859 
_refine.ls_R_factor_all                          ? 
_refine.ls_R_factor_R_work                       0.12670 
_refine.ls_R_factor_R_free                       0.16672 
_refine.ls_R_factor_R_free_error                 ? 
_refine.ls_R_factor_R_free_error_details         ? 
_refine.ls_percent_reflns_R_free                 4.6 
_refine.ls_number_reflns_R_free                  316 
_refine.ls_number_parameters                     ? 
_refine.ls_number_restraints                     ? 
_refine.occupancy_min                            ? 
_refine.occupancy_max                            ? 
_refine.correlation_coeff_Fo_to_Fc               0.973 
_refine.correlation_coeff_Fo_to_Fc_free          0.964 
_refine.B_iso_mean                               19.742 
_refine.aniso_B[1][1]                            -0.06 
_refine.aniso_B[2][2]                            -0.06 
_refine.aniso_B[3][3]                            0.11 
_refine.aniso_B[1][2]                            0.00 
_refine.aniso_B[1][3]                            -0.00 
_refine.aniso_B[2][3]                            -0.00 
_refine.solvent_model_details                    MASK 
_refine.solvent_model_param_ksol                 ? 
_refine.solvent_model_param_bsol                 ? 
_refine.pdbx_solvent_vdw_probe_radii             1.20 
_refine.pdbx_solvent_ion_probe_radii             0.80 
_refine.pdbx_solvent_shrinkage_radii             0.80 
_refine.pdbx_ls_cross_valid_method               THROUGHOUT 
_refine.details                                  'HYDROGENS HAVE BEEN USED IF PRESENT IN THE INPUT' 
_refine.pdbx_starting_model                      ? 
_refine.pdbx_method_to_determine_struct          SAD 
_refine.pdbx_isotropic_thermal_model             ? 
_refine.pdbx_stereochemistry_target_values       'MAXIMUM LIKELIHOOD' 
_refine.pdbx_stereochem_target_val_spec_case     ? 
_refine.pdbx_R_Free_selection_details            RANDOM 
_refine.pdbx_overall_ESU_R                       0.068 
_refine.pdbx_overall_ESU_R_Free                  0.062 
_refine.overall_SU_ML                            0.034 
_refine.pdbx_overall_phase_error                 ? 
_refine.overall_SU_B                             2.074 
_refine.overall_SU_R_Cruickshank_DPI             ? 
_refine.ls_redundancy_reflns_obs                 ? 
_refine.B_iso_min                                ? 
_refine.B_iso_max                                ? 
_refine.overall_SU_R_free                        ? 
_refine.ls_wR_factor_R_free                      ? 
_refine.ls_wR_factor_R_work                      ? 
_refine.overall_FOM_free_R_set                   ? 
_refine.overall_FOM_work_R_set                   ? 
_refine.pdbx_diffrn_id                           1 
_refine.pdbx_refine_id                           'X-RAY DIFFRACTION' 
_refine.pdbx_TLS_residual_ADP_flag               ? 
_refine.pdbx_overall_SU_R_free_Cruickshank_DPI   ? 
_refine.pdbx_overall_SU_R_Blow_DPI               ? 
_refine.pdbx_overall_SU_R_free_Blow_DPI          ? 
# 
_refine_hist.pdbx_refine_id                   'X-RAY DIFFRACTION' 
_refine_hist.cycle_id                         LAST 
_refine_hist.pdbx_number_atoms_protein        0 
_refine_hist.pdbx_number_atoms_nucleic_acid   202 
_refine_hist.pdbx_number_atoms_ligand         103 
_refine_hist.number_atoms_solvent             66 
_refine_hist.number_atoms_total               371 
_refine_hist.d_res_high                       1.50 
_refine_hist.d_res_low                        38.45 
# 
loop_
_refine_ls_restr.type 
_refine_ls_restr.dev_ideal 
_refine_ls_restr.dev_ideal_target 
_refine_ls_restr.weight 
_refine_ls_restr.number 
_refine_ls_restr.pdbx_restraint_function 
_refine_ls_restr.pdbx_refine_id 
r_bond_refined_d     0.034  0.014 ? 360 ? 'X-RAY DIFFRACTION' 
r_angle_refined_deg  3.537  1.993 ? 576 ? 'X-RAY DIFFRACTION' 
r_chiral_restr       0.084  0.200 ? 31  ? 'X-RAY DIFFRACTION' 
r_gen_planes_refined 0.038  0.020 ? 211 ? 'X-RAY DIFFRACTION' 
r_rigid_bond_restr   9.612  3.000 ? 360 ? 'X-RAY DIFFRACTION' 
r_sphericity_free    25.876 5.000 ? 16  ? 'X-RAY DIFFRACTION' 
r_sphericity_bonded  13.777 5.000 ? 360 ? 'X-RAY DIFFRACTION' 
# 
_refine_ls_shell.pdbx_refine_id                   'X-RAY DIFFRACTION' 
_refine_ls_shell.pdbx_total_number_of_bins_used   20 
_refine_ls_shell.d_res_high                       1.500 
_refine_ls_shell.d_res_low                        1.539 
_refine_ls_shell.number_reflns_R_work             365 
_refine_ls_shell.R_factor_R_work                  0.136 
_refine_ls_shell.percent_reflns_obs               79.41 
_refine_ls_shell.R_factor_R_free                  0.261 
_refine_ls_shell.R_factor_R_free_error            ? 
_refine_ls_shell.percent_reflns_R_free            ? 
_refine_ls_shell.number_reflns_R_free             13 
_refine_ls_shell.number_reflns_all                ? 
_refine_ls_shell.R_factor_all                     ? 
_refine_ls_shell.number_reflns_obs                ? 
_refine_ls_shell.redundancy_reflns_obs            ? 
# 
_struct.entry_id                  3UYB 
_struct.title                     'X-ray crystal structure of the ruthenium complex [Ru(tap)2(dppz)]2+ bound to d(TCGGTACCGA)' 
_struct.pdbx_model_details        ? 
_struct.pdbx_CASP_flag            ? 
_struct.pdbx_model_type_details   ? 
# 
_struct_keywords.entry_id        3UYB 
_struct_keywords.pdbx_keywords   DNA 
_struct_keywords.text            'DNA-Ruthenium complex, Semiintercalation, intercalation, Minor groove interaction, DNA' 
# 
loop_
_struct_asym.id 
_struct_asym.pdbx_blank_PDB_chainid_flag 
_struct_asym.pdbx_modified 
_struct_asym.entity_id 
_struct_asym.details 
A N N 1 ? 
B N N 2 ? 
C N N 2 ? 
D N N 3 ? 
E N N 4 ? 
# 
_struct_ref.id                         1 
_struct_ref.db_name                    PDB 
_struct_ref.db_code                    3UYB 
_struct_ref.pdbx_db_accession          3UYB 
_struct_ref.entity_id                  1 
_struct_ref.pdbx_align_begin           ? 
_struct_ref.pdbx_seq_one_letter_code   ? 
_struct_ref.pdbx_db_isoform            ? 
# 
_struct_ref_seq.align_id                      1 
_struct_ref_seq.ref_id                        1 
_struct_ref_seq.pdbx_PDB_id_code              3UYB 
_struct_ref_seq.pdbx_strand_id                A 
_struct_ref_seq.seq_align_beg                 1 
_struct_ref_seq.pdbx_seq_align_beg_ins_code   ? 
_struct_ref_seq.seq_align_end                 10 
_struct_ref_seq.pdbx_seq_align_end_ins_code   ? 
_struct_ref_seq.pdbx_db_accession             3UYB 
_struct_ref_seq.db_align_beg                  1 
_struct_ref_seq.pdbx_db_align_beg_ins_code    ? 
_struct_ref_seq.db_align_end                  10 
_struct_ref_seq.pdbx_db_align_end_ins_code    ? 
_struct_ref_seq.pdbx_auth_seq_align_beg       1 
_struct_ref_seq.pdbx_auth_seq_align_end       10 
# 
_pdbx_struct_assembly.id                   1 
_pdbx_struct_assembly.details              author_and_software_defined_assembly 
_pdbx_struct_assembly.method_details       PISA 
_pdbx_struct_assembly.oligomeric_details   dimeric 
_pdbx_struct_assembly.oligomeric_count     2 
# 
loop_
_pdbx_struct_assembly_prop.biol_id 
_pdbx_struct_assembly_prop.type 
_pdbx_struct_assembly_prop.value 
_pdbx_struct_assembly_prop.details 
1 'ABSA (A^2)' 950  ? 
1 MORE         -5   ? 
1 'SSA (A^2)'  4630 ? 
# 
_pdbx_struct_assembly_gen.assembly_id       1 
_pdbx_struct_assembly_gen.oper_expression   1,2 
_pdbx_struct_assembly_gen.asym_id_list      A,B,C,D,E 
# 
loop_
_pdbx_struct_oper_list.id 
_pdbx_struct_oper_list.type 
_pdbx_struct_oper_list.name 
_pdbx_struct_oper_list.symmetry_operation 
_pdbx_struct_oper_list.matrix[1][1] 
_pdbx_struct_oper_list.matrix[1][2] 
_pdbx_struct_oper_list.matrix[1][3] 
_pdbx_struct_oper_list.vector[1] 
_pdbx_struct_oper_list.matrix[2][1] 
_pdbx_struct_oper_list.matrix[2][2] 
_pdbx_struct_oper_list.matrix[2][3] 
_pdbx_struct_oper_list.vector[2] 
_pdbx_struct_oper_list.matrix[3][1] 
_pdbx_struct_oper_list.matrix[3][2] 
_pdbx_struct_oper_list.matrix[3][3] 
_pdbx_struct_oper_list.vector[3] 
1 'identity operation'         1_555 x,y,z    1.0000000000  0.0000000000  0.0000000000  0.0000000000  0.0000000000  1.0000000000  0.0000000000 0.0000000000  0.0000000000  0.0000000000 1.0000000000 0.0000000000 
2 'crystal symmetry operation' 7_556 y,x,-z+1 -0.9119616105 -0.2504329421 -0.3249759415 -5.2202651492 -0.2504329421 -0.2876214703 0.9244226476 -2.8107484030 -0.3249759415 0.9244226476 0.1995830808 0.7518102858 
# 
_struct_biol.id        1 
_struct_biol.details   ? 
# 
loop_
_struct_conn.id 
_struct_conn.conn_type_id 
_struct_conn.pdbx_leaving_atom_flag 
_struct_conn.pdbx_PDB_id 
_struct_conn.ptnr1_label_asym_id 
_struct_conn.ptnr1_label_comp_id 
_struct_conn.ptnr1_label_seq_id 
_struct_conn.ptnr1_label_atom_id 
_struct_conn.pdbx_ptnr1_label_alt_id 
_struct_conn.pdbx_ptnr1_PDB_ins_code 
_struct_conn.pdbx_ptnr1_standard_comp_id 
_struct_conn.ptnr1_symmetry 
_struct_conn.ptnr2_label_asym_id 
_struct_conn.ptnr2_label_comp_id 
_struct_conn.ptnr2_label_seq_id 
_struct_conn.ptnr2_label_atom_id 
_struct_conn.pdbx_ptnr2_label_alt_id 
_struct_conn.pdbx_ptnr2_PDB_ins_code 
_struct_conn.ptnr1_auth_asym_id 
_struct_conn.ptnr1_auth_comp_id 
_struct_conn.ptnr1_auth_seq_id 
_struct_conn.ptnr2_auth_asym_id 
_struct_conn.ptnr2_auth_comp_id 
_struct_conn.ptnr2_auth_seq_id 
_struct_conn.ptnr2_symmetry 
_struct_conn.pdbx_ptnr3_label_atom_id 
_struct_conn.pdbx_ptnr3_label_seq_id 
_struct_conn.pdbx_ptnr3_label_comp_id 
_struct_conn.pdbx_ptnr3_label_asym_id 
_struct_conn.pdbx_ptnr3_label_alt_id 
_struct_conn.pdbx_ptnr3_PDB_ins_code 
_struct_conn.details 
_struct_conn.pdbx_dist_value 
_struct_conn.pdbx_value_order 
_struct_conn.pdbx_role 
metalc1  metalc ? ? A DG 4  O6 ? ? ? 1_555 D BA  .  BA ? ? A DG 4  A BA  13 1_555 ? ? ? ? ? ? ?            2.838 ? ? 
metalc2  metalc ? ? A DT 5  O4 ? ? ? 1_555 D BA  .  BA ? ? A DT 5  A BA  13 1_555 ? ? ? ? ? ? ?            2.851 ? ? 
metalc3  metalc ? ? D BA .  BA ? ? ? 1_555 E HOH .  O  ? ? A BA 13 A HOH 20 1_555 ? ? ? ? ? ? ?            2.758 ? ? 
metalc4  metalc ? ? D BA .  BA ? ? ? 1_555 E HOH .  O  ? ? A BA 13 A HOH 28 1_555 ? ? ? ? ? ? ?            2.829 ? ? 
metalc5  metalc ? ? D BA .  BA ? ? ? 1_555 E HOH .  O  ? ? A BA 13 A HOH 35 1_555 ? ? ? ? ? ? ?            2.892 ? ? 
metalc6  metalc ? ? D BA .  BA ? ? ? 1_555 E HOH .  O  ? ? A BA 13 A HOH 45 1_555 ? ? ? ? ? ? ?            2.860 ? ? 
metalc7  metalc ? ? D BA .  BA ? ? ? 1_555 E HOH .  O  ? ? A BA 13 A HOH 49 1_555 ? ? ? ? ? ? ?            2.869 ? ? 
hydrog1  hydrog ? ? A DT 1  N3 ? ? ? 1_555 A DA  10 N1 ? ? A DT 1  A DA  10 7_556 ? ? ? ? ? ? WATSON-CRICK ?     ? ? 
hydrog2  hydrog ? ? A DT 1  O4 ? ? ? 1_555 A DA  10 N6 ? ? A DT 1  A DA  10 7_556 ? ? ? ? ? ? WATSON-CRICK ?     ? ? 
hydrog3  hydrog ? ? A DC 2  N3 ? ? ? 1_555 A DG  9  N1 ? ? A DC 2  A DG  9  7_556 ? ? ? ? ? ? WATSON-CRICK ?     ? ? 
hydrog4  hydrog ? ? A DC 2  N4 ? ? ? 1_555 A DG  9  O6 ? ? A DC 2  A DG  9  7_556 ? ? ? ? ? ? WATSON-CRICK ?     ? ? 
hydrog5  hydrog ? ? A DC 2  O2 ? ? ? 1_555 A DG  9  N2 ? ? A DC 2  A DG  9  7_556 ? ? ? ? ? ? WATSON-CRICK ?     ? ? 
hydrog6  hydrog ? ? A DG 3  N1 ? ? ? 1_555 A DC  8  N3 ? ? A DG 3  A DC  8  7_556 ? ? ? ? ? ? WATSON-CRICK ?     ? ? 
hydrog7  hydrog ? ? A DG 3  N2 ? ? ? 1_555 A DC  8  O2 ? ? A DG 3  A DC  8  7_556 ? ? ? ? ? ? WATSON-CRICK ?     ? ? 
hydrog8  hydrog ? ? A DG 3  O6 ? ? ? 1_555 A DC  8  N4 ? ? A DG 3  A DC  8  7_556 ? ? ? ? ? ? WATSON-CRICK ?     ? ? 
hydrog9  hydrog ? ? A DG 4  N1 ? ? ? 1_555 A DC  7  N3 ? ? A DG 4  A DC  7  7_556 ? ? ? ? ? ? WATSON-CRICK ?     ? ? 
hydrog10 hydrog ? ? A DG 4  N2 ? ? ? 1_555 A DC  7  O2 ? ? A DG 4  A DC  7  7_556 ? ? ? ? ? ? WATSON-CRICK ?     ? ? 
hydrog11 hydrog ? ? A DG 4  O6 ? ? ? 1_555 A DC  7  N4 ? ? A DG 4  A DC  7  7_556 ? ? ? ? ? ? WATSON-CRICK ?     ? ? 
hydrog12 hydrog ? ? A DT 5  N3 ? ? ? 1_555 A DA  6  N1 ? ? A DT 5  A DA  6  7_556 ? ? ? ? ? ? WATSON-CRICK ?     ? ? 
hydrog13 hydrog ? ? A DT 5  O4 ? ? ? 1_555 A DA  6  N6 ? ? A DT 5  A DA  6  7_556 ? ? ? ? ? ? WATSON-CRICK ?     ? ? 
hydrog14 hydrog ? ? A DA 6  N1 ? ? ? 1_555 A DT  5  N3 ? ? A DA 6  A DT  5  7_556 ? ? ? ? ? ? WATSON-CRICK ?     ? ? 
hydrog15 hydrog ? ? A DA 6  N6 ? ? ? 1_555 A DT  5  O4 ? ? A DA 6  A DT  5  7_556 ? ? ? ? ? ? WATSON-CRICK ?     ? ? 
hydrog16 hydrog ? ? A DC 7  N3 ? ? ? 1_555 A DG  4  N1 ? ? A DC 7  A DG  4  7_556 ? ? ? ? ? ? WATSON-CRICK ?     ? ? 
hydrog17 hydrog ? ? A DC 7  N4 ? ? ? 1_555 A DG  4  O6 ? ? A DC 7  A DG  4  7_556 ? ? ? ? ? ? WATSON-CRICK ?     ? ? 
hydrog18 hydrog ? ? A DC 7  O2 ? ? ? 1_555 A DG  4  N2 ? ? A DC 7  A DG  4  7_556 ? ? ? ? ? ? WATSON-CRICK ?     ? ? 
hydrog19 hydrog ? ? A DC 8  N3 ? ? ? 1_555 A DG  3  N1 ? ? A DC 8  A DG  3  7_556 ? ? ? ? ? ? WATSON-CRICK ?     ? ? 
hydrog20 hydrog ? ? A DC 8  N4 ? ? ? 1_555 A DG  3  O6 ? ? A DC 8  A DG  3  7_556 ? ? ? ? ? ? WATSON-CRICK ?     ? ? 
hydrog21 hydrog ? ? A DC 8  O2 ? ? ? 1_555 A DG  3  N2 ? ? A DC 8  A DG  3  7_556 ? ? ? ? ? ? WATSON-CRICK ?     ? ? 
hydrog22 hydrog ? ? A DG 9  N1 ? ? ? 1_555 A DC  2  N3 ? ? A DG 9  A DC  2  7_556 ? ? ? ? ? ? WATSON-CRICK ?     ? ? 
hydrog23 hydrog ? ? A DG 9  N2 ? ? ? 1_555 A DC  2  O2 ? ? A DG 9  A DC  2  7_556 ? ? ? ? ? ? WATSON-CRICK ?     ? ? 
hydrog24 hydrog ? ? A DG 9  O6 ? ? ? 1_555 A DC  2  N4 ? ? A DG 9  A DC  2  7_556 ? ? ? ? ? ? WATSON-CRICK ?     ? ? 
hydrog25 hydrog ? ? A DA 10 N1 ? ? ? 1_555 A DT  1  N3 ? ? A DA 10 A DT  1  7_556 ? ? ? ? ? ? WATSON-CRICK ?     ? ? 
hydrog26 hydrog ? ? A DA 10 N6 ? ? ? 1_555 A DT  1  O4 ? ? A DA 10 A DT  1  7_556 ? ? ? ? ? ? WATSON-CRICK ?     ? ? 
# 
loop_
_struct_conn_type.id 
_struct_conn_type.criteria 
_struct_conn_type.reference 
metalc ? ? 
hydrog ? ? 
# 
loop_
_pdbx_struct_conn_angle.id 
_pdbx_struct_conn_angle.ptnr1_label_atom_id 
_pdbx_struct_conn_angle.ptnr1_label_alt_id 
_pdbx_struct_conn_angle.ptnr1_label_asym_id 
_pdbx_struct_conn_angle.ptnr1_label_comp_id 
_pdbx_struct_conn_angle.ptnr1_label_seq_id 
_pdbx_struct_conn_angle.ptnr1_auth_atom_id 
_pdbx_struct_conn_angle.ptnr1_auth_asym_id 
_pdbx_struct_conn_angle.ptnr1_auth_comp_id 
_pdbx_struct_conn_angle.ptnr1_auth_seq_id 
_pdbx_struct_conn_angle.ptnr1_PDB_ins_code 
_pdbx_struct_conn_angle.ptnr1_symmetry 
_pdbx_struct_conn_angle.ptnr2_label_atom_id 
_pdbx_struct_conn_angle.ptnr2_label_alt_id 
_pdbx_struct_conn_angle.ptnr2_label_asym_id 
_pdbx_struct_conn_angle.ptnr2_label_comp_id 
_pdbx_struct_conn_angle.ptnr2_label_seq_id 
_pdbx_struct_conn_angle.ptnr2_auth_atom_id 
_pdbx_struct_conn_angle.ptnr2_auth_asym_id 
_pdbx_struct_conn_angle.ptnr2_auth_comp_id 
_pdbx_struct_conn_angle.ptnr2_auth_seq_id 
_pdbx_struct_conn_angle.ptnr2_PDB_ins_code 
_pdbx_struct_conn_angle.ptnr2_symmetry 
_pdbx_struct_conn_angle.ptnr3_label_atom_id 
_pdbx_struct_conn_angle.ptnr3_label_alt_id 
_pdbx_struct_conn_angle.ptnr3_label_asym_id 
_pdbx_struct_conn_angle.ptnr3_label_comp_id 
_pdbx_struct_conn_angle.ptnr3_label_seq_id 
_pdbx_struct_conn_angle.ptnr3_auth_atom_id 
_pdbx_struct_conn_angle.ptnr3_auth_asym_id 
_pdbx_struct_conn_angle.ptnr3_auth_comp_id 
_pdbx_struct_conn_angle.ptnr3_auth_seq_id 
_pdbx_struct_conn_angle.ptnr3_PDB_ins_code 
_pdbx_struct_conn_angle.ptnr3_symmetry 
_pdbx_struct_conn_angle.value 
_pdbx_struct_conn_angle.value_esd 
1  O6 ? A DG  4 ? A DG  4  ? 1_555 BA ? D BA . ? A BA 13 ? 1_555 O4 ? A DT  5 ? A DT  5  ? 1_555 67.9  ? 
2  O6 ? A DG  4 ? A DG  4  ? 1_555 BA ? D BA . ? A BA 13 ? 1_555 O  ? E HOH . ? A HOH 20 ? 1_555 66.3  ? 
3  O4 ? A DT  5 ? A DT  5  ? 1_555 BA ? D BA . ? A BA 13 ? 1_555 O  ? E HOH . ? A HOH 20 ? 1_555 114.6 ? 
4  O6 ? A DG  4 ? A DG  4  ? 1_555 BA ? D BA . ? A BA 13 ? 1_555 O  ? E HOH . ? A HOH 28 ? 1_555 96.9  ? 
5  O4 ? A DT  5 ? A DT  5  ? 1_555 BA ? D BA . ? A BA 13 ? 1_555 O  ? E HOH . ? A HOH 28 ? 1_555 76.0  ? 
6  O  ? E HOH . ? A HOH 20 ? 1_555 BA ? D BA . ? A BA 13 ? 1_555 O  ? E HOH . ? A HOH 28 ? 1_555 66.3  ? 
7  O6 ? A DG  4 ? A DG  4  ? 1_555 BA ? D BA . ? A BA 13 ? 1_555 O  ? E HOH . ? A HOH 35 ? 1_555 142.8 ? 
8  O4 ? A DT  5 ? A DT  5  ? 1_555 BA ? D BA . ? A BA 13 ? 1_555 O  ? E HOH . ? A HOH 35 ? 1_555 75.7  ? 
9  O  ? E HOH . ? A HOH 20 ? 1_555 BA ? D BA . ? A BA 13 ? 1_555 O  ? E HOH . ? A HOH 35 ? 1_555 126.4 ? 
10 O  ? E HOH . ? A HOH 28 ? 1_555 BA ? D BA . ? A BA 13 ? 1_555 O  ? E HOH . ? A HOH 35 ? 1_555 66.2  ? 
11 O6 ? A DG  4 ? A DG  4  ? 1_555 BA ? D BA . ? A BA 13 ? 1_555 O  ? E HOH . ? A HOH 45 ? 1_555 127.5 ? 
12 O4 ? A DT  5 ? A DT  5  ? 1_555 BA ? D BA . ? A BA 13 ? 1_555 O  ? E HOH . ? A HOH 45 ? 1_555 105.3 ? 
13 O  ? E HOH . ? A HOH 20 ? 1_555 BA ? D BA . ? A BA 13 ? 1_555 O  ? E HOH . ? A HOH 45 ? 1_555 139.5 ? 
14 O  ? E HOH . ? A HOH 28 ? 1_555 BA ? D BA . ? A BA 13 ? 1_555 O  ? E HOH . ? A HOH 45 ? 1_555 133.3 ? 
15 O  ? E HOH . ? A HOH 35 ? 1_555 BA ? D BA . ? A BA 13 ? 1_555 O  ? E HOH . ? A HOH 45 ? 1_555 69.0  ? 
16 O6 ? A DG  4 ? A DG  4  ? 1_555 BA ? D BA . ? A BA 13 ? 1_555 O  ? E HOH . ? A HOH 49 ? 1_555 135.0 ? 
17 O4 ? A DT  5 ? A DT  5  ? 1_555 BA ? D BA . ? A BA 13 ? 1_555 O  ? E HOH . ? A HOH 49 ? 1_555 154.9 ? 
18 O  ? E HOH . ? A HOH 20 ? 1_555 BA ? D BA . ? A BA 13 ? 1_555 O  ? E HOH . ? A HOH 49 ? 1_555 75.9  ? 
19 O  ? E HOH . ? A HOH 28 ? 1_555 BA ? D BA . ? A BA 13 ? 1_555 O  ? E HOH . ? A HOH 49 ? 1_555 89.0  ? 
20 O  ? E HOH . ? A HOH 35 ? 1_555 BA ? D BA . ? A BA 13 ? 1_555 O  ? E HOH . ? A HOH 49 ? 1_555 79.8  ? 
21 O  ? E HOH . ? A HOH 45 ? 1_555 BA ? D BA . ? A BA 13 ? 1_555 O  ? E HOH . ? A HOH 49 ? 1_555 70.5  ? 
# 
loop_
_struct_site.id 
_struct_site.pdbx_evidence_code 
_struct_site.pdbx_auth_asym_id 
_struct_site.pdbx_auth_comp_id 
_struct_site.pdbx_auth_seq_id 
_struct_site.pdbx_auth_ins_code 
_struct_site.pdbx_num_residues 
_struct_site.details 
AC1 Software A RKL 11 ? 15 'BINDING SITE FOR RESIDUE RKL A 11' 
AC2 Software A RKL 12 ? 13 'BINDING SITE FOR RESIDUE RKL A 12' 
AC3 Software A BA  13 ? 8  'BINDING SITE FOR RESIDUE BA A 13'  
# 
loop_
_struct_site_gen.id 
_struct_site_gen.site_id 
_struct_site_gen.pdbx_num_res 
_struct_site_gen.label_comp_id 
_struct_site_gen.label_asym_id 
_struct_site_gen.label_seq_id 
_struct_site_gen.pdbx_auth_ins_code 
_struct_site_gen.auth_comp_id 
_struct_site_gen.auth_asym_id 
_struct_site_gen.auth_seq_id 
_struct_site_gen.label_atom_id 
_struct_site_gen.label_alt_id 
_struct_site_gen.symmetry 
_struct_site_gen.details 
1  AC1 15 DT  A 1  ? DT  A 1  . ? 5_345 ? 
2  AC1 15 DC  A 2  ? DC  A 2  . ? 4_435 ? 
3  AC1 15 DC  A 2  ? DC  A 2  . ? 5_345 ? 
4  AC1 15 DG  A 4  ? DG  A 4  . ? 1_555 ? 
5  AC1 15 DT  A 5  ? DT  A 5  . ? 7_556 ? 
6  AC1 15 DT  A 5  ? DT  A 5  . ? 1_555 ? 
7  AC1 15 DA  A 6  ? DA  A 6  . ? 1_555 ? 
8  AC1 15 DA  A 6  ? DA  A 6  . ? 7_556 ? 
9  AC1 15 DC  A 7  ? DC  A 7  . ? 1_555 ? 
10 AC1 15 DC  A 7  ? DC  A 7  . ? 7_556 ? 
11 AC1 15 HOH E .  ? HOH A 14 . ? 1_555 ? 
12 AC1 15 HOH E .  ? HOH A 15 . ? 1_555 ? 
13 AC1 15 HOH E .  ? HOH A 58 . ? 7_556 ? 
14 AC1 15 HOH E .  ? HOH A 82 . ? 1_555 ? 
15 AC1 15 HOH E .  ? HOH A 84 . ? 1_555 ? 
16 AC2 13 DT  A 1  ? DT  A 1  . ? 4_435 ? 
17 AC2 13 DC  A 2  ? DC  A 2  . ? 4_435 ? 
18 AC2 13 DG  A 3  ? DG  A 3  . ? 4_435 ? 
19 AC2 13 DG  A 3  ? DG  A 3  . ? 1_555 ? 
20 AC2 13 DG  A 4  ? DG  A 4  . ? 1_555 ? 
21 AC2 13 DC  A 7  ? DC  A 7  . ? 7_556 ? 
22 AC2 13 DC  A 8  ? DC  A 8  . ? 7_556 ? 
23 AC2 13 DG  A 9  ? DG  A 9  . ? 6_436 ? 
24 AC2 13 DA  A 10 ? DA  A 10 . ? 6_436 ? 
25 AC2 13 HOH E .  ? HOH A 16 . ? 7_556 ? 
26 AC2 13 HOH E .  ? HOH A 19 . ? 7_556 ? 
27 AC2 13 HOH E .  ? HOH A 41 . ? 1_555 ? 
28 AC2 13 HOH E .  ? HOH A 51 . ? 1_555 ? 
29 AC3 8  DG  A 3  ? DG  A 3  . ? 1_555 ? 
30 AC3 8  DG  A 4  ? DG  A 4  . ? 1_555 ? 
31 AC3 8  DT  A 5  ? DT  A 5  . ? 1_555 ? 
32 AC3 8  HOH E .  ? HOH A 20 . ? 1_555 ? 
33 AC3 8  HOH E .  ? HOH A 28 . ? 1_555 ? 
34 AC3 8  HOH E .  ? HOH A 35 . ? 1_555 ? 
35 AC3 8  HOH E .  ? HOH A 45 . ? 1_555 ? 
36 AC3 8  HOH E .  ? HOH A 49 . ? 1_555 ? 
# 
_pdbx_validate_rmsd_bond.id                        1 
_pdbx_validate_rmsd_bond.PDB_model_num             1 
_pdbx_validate_rmsd_bond.auth_atom_id_1            "O3'" 
_pdbx_validate_rmsd_bond.auth_asym_id_1            A 
_pdbx_validate_rmsd_bond.auth_comp_id_1            DT 
_pdbx_validate_rmsd_bond.auth_seq_id_1             1 
_pdbx_validate_rmsd_bond.PDB_ins_code_1            ? 
_pdbx_validate_rmsd_bond.label_alt_id_1            ? 
_pdbx_validate_rmsd_bond.auth_atom_id_2            P 
_pdbx_validate_rmsd_bond.auth_asym_id_2            A 
_pdbx_validate_rmsd_bond.auth_comp_id_2            DC 
_pdbx_validate_rmsd_bond.auth_seq_id_2             2 
_pdbx_validate_rmsd_bond.PDB_ins_code_2            ? 
_pdbx_validate_rmsd_bond.label_alt_id_2            B 
_pdbx_validate_rmsd_bond.bond_value                1.731 
_pdbx_validate_rmsd_bond.bond_target_value         1.607 
_pdbx_validate_rmsd_bond.bond_deviation            0.124 
_pdbx_validate_rmsd_bond.bond_standard_deviation   0.012 
_pdbx_validate_rmsd_bond.linker_flag               Y 
# 
loop_
_pdbx_validate_rmsd_angle.id 
_pdbx_validate_rmsd_angle.PDB_model_num 
_pdbx_validate_rmsd_angle.auth_atom_id_1 
_pdbx_validate_rmsd_angle.auth_asym_id_1 
_pdbx_validate_rmsd_angle.auth_comp_id_1 
_pdbx_validate_rmsd_angle.auth_seq_id_1 
_pdbx_validate_rmsd_angle.PDB_ins_code_1 
_pdbx_validate_rmsd_angle.label_alt_id_1 
_pdbx_validate_rmsd_angle.auth_atom_id_2 
_pdbx_validate_rmsd_angle.auth_asym_id_2 
_pdbx_validate_rmsd_angle.auth_comp_id_2 
_pdbx_validate_rmsd_angle.auth_seq_id_2 
_pdbx_validate_rmsd_angle.PDB_ins_code_2 
_pdbx_validate_rmsd_angle.label_alt_id_2 
_pdbx_validate_rmsd_angle.auth_atom_id_3 
_pdbx_validate_rmsd_angle.auth_asym_id_3 
_pdbx_validate_rmsd_angle.auth_comp_id_3 
_pdbx_validate_rmsd_angle.auth_seq_id_3 
_pdbx_validate_rmsd_angle.PDB_ins_code_3 
_pdbx_validate_rmsd_angle.label_alt_id_3 
_pdbx_validate_rmsd_angle.angle_value 
_pdbx_validate_rmsd_angle.angle_target_value 
_pdbx_validate_rmsd_angle.angle_deviation 
_pdbx_validate_rmsd_angle.angle_standard_deviation 
_pdbx_validate_rmsd_angle.linker_flag 
1 1 "C3'" A DT 1 ? ? "O3'" A DT 1 ? ? P     A DC 2 ? B 103.71 119.70 -15.99 1.20 Y 
2 1 "O5'" A DC 2 ? B P     A DC 2 ? B OP1   A DC 2 ? B 99.84  105.70 -5.86  0.90 N 
3 1 "O4'" A DC 7 ? ? "C4'" A DC 7 ? ? "C3'" A DC 7 ? ? 101.30 104.50 -3.20  0.40 N 
# 
_pdbx_refine_tls.pdbx_refine_id   'X-RAY DIFFRACTION' 
_pdbx_refine_tls.id               1 
_pdbx_refine_tls.details          ? 
_pdbx_refine_tls.method           refined 
_pdbx_refine_tls.origin_x         0.0002 
_pdbx_refine_tls.origin_y         0.0004 
_pdbx_refine_tls.origin_z         0.0005 
_pdbx_refine_tls.T[1][1]          0.0032 
_pdbx_refine_tls.T[2][2]          0.0086 
_pdbx_refine_tls.T[3][3]          0.0063 
_pdbx_refine_tls.T[1][2]          -0.0024 
_pdbx_refine_tls.T[1][3]          -0.0042 
_pdbx_refine_tls.T[2][3]          0.0018 
_pdbx_refine_tls.L[1][1]          0.0003 
_pdbx_refine_tls.L[2][2]          0.0001 
_pdbx_refine_tls.L[3][3]          0.0001 
_pdbx_refine_tls.L[1][2]          -0.0001 
_pdbx_refine_tls.L[1][3]          -0.0001 
_pdbx_refine_tls.L[2][3]          -0.0001 
_pdbx_refine_tls.S[1][1]          0.0002 
_pdbx_refine_tls.S[2][2]          -0.0009 
_pdbx_refine_tls.S[3][3]          0.0007 
_pdbx_refine_tls.S[1][2]          0.0009 
_pdbx_refine_tls.S[1][3]          -0.0008 
_pdbx_refine_tls.S[2][3]          -0.0006 
_pdbx_refine_tls.S[2][1]          0.0005 
_pdbx_refine_tls.S[3][1]          -0.0006 
_pdbx_refine_tls.S[3][2]          0.0004 
# 
loop_
_pdbx_refine_tls_group.pdbx_refine_id 
_pdbx_refine_tls_group.id 
_pdbx_refine_tls_group.refine_tls_id 
_pdbx_refine_tls_group.beg_auth_asym_id 
_pdbx_refine_tls_group.beg_auth_seq_id 
_pdbx_refine_tls_group.end_auth_asym_id 
_pdbx_refine_tls_group.end_auth_seq_id 
_pdbx_refine_tls_group.selection_details 
_pdbx_refine_tls_group.beg_label_asym_id 
_pdbx_refine_tls_group.beg_label_seq_id 
_pdbx_refine_tls_group.end_label_asym_id 
_pdbx_refine_tls_group.end_label_seq_id 
_pdbx_refine_tls_group.selection 
'X-RAY DIFFRACTION' 1 1 A 1  A 10 ? . . . . ? 
'X-RAY DIFFRACTION' 2 1 A 11 A 13 ? . . . . ? 
'X-RAY DIFFRACTION' 3 1 A 14 A 87 ? . . . . ? 
# 
loop_
_chem_comp_atom.comp_id 
_chem_comp_atom.atom_id 
_chem_comp_atom.type_symbol 
_chem_comp_atom.pdbx_aromatic_flag 
_chem_comp_atom.pdbx_stereo_config 
_chem_comp_atom.pdbx_ordinal 
BA  BA     BA N N 1   
DA  OP3    O  N N 2   
DA  P      P  N N 3   
DA  OP1    O  N N 4   
DA  OP2    O  N N 5   
DA  "O5'"  O  N N 6   
DA  "C5'"  C  N N 7   
DA  "C4'"  C  N R 8   
DA  "O4'"  O  N N 9   
DA  "C3'"  C  N S 10  
DA  "O3'"  O  N N 11  
DA  "C2'"  C  N N 12  
DA  "C1'"  C  N R 13  
DA  N9     N  Y N 14  
DA  C8     C  Y N 15  
DA  N7     N  Y N 16  
DA  C5     C  Y N 17  
DA  C6     C  Y N 18  
DA  N6     N  N N 19  
DA  N1     N  Y N 20  
DA  C2     C  Y N 21  
DA  N3     N  Y N 22  
DA  C4     C  Y N 23  
DA  HOP3   H  N N 24  
DA  HOP2   H  N N 25  
DA  "H5'"  H  N N 26  
DA  "H5''" H  N N 27  
DA  "H4'"  H  N N 28  
DA  "H3'"  H  N N 29  
DA  "HO3'" H  N N 30  
DA  "H2'"  H  N N 31  
DA  "H2''" H  N N 32  
DA  "H1'"  H  N N 33  
DA  H8     H  N N 34  
DA  H61    H  N N 35  
DA  H62    H  N N 36  
DA  H2     H  N N 37  
DC  OP3    O  N N 38  
DC  P      P  N N 39  
DC  OP1    O  N N 40  
DC  OP2    O  N N 41  
DC  "O5'"  O  N N 42  
DC  "C5'"  C  N N 43  
DC  "C4'"  C  N R 44  
DC  "O4'"  O  N N 45  
DC  "C3'"  C  N S 46  
DC  "O3'"  O  N N 47  
DC  "C2'"  C  N N 48  
DC  "C1'"  C  N R 49  
DC  N1     N  N N 50  
DC  C2     C  N N 51  
DC  O2     O  N N 52  
DC  N3     N  N N 53  
DC  C4     C  N N 54  
DC  N4     N  N N 55  
DC  C5     C  N N 56  
DC  C6     C  N N 57  
DC  HOP3   H  N N 58  
DC  HOP2   H  N N 59  
DC  "H5'"  H  N N 60  
DC  "H5''" H  N N 61  
DC  "H4'"  H  N N 62  
DC  "H3'"  H  N N 63  
DC  "HO3'" H  N N 64  
DC  "H2'"  H  N N 65  
DC  "H2''" H  N N 66  
DC  "H1'"  H  N N 67  
DC  H41    H  N N 68  
DC  H42    H  N N 69  
DC  H5     H  N N 70  
DC  H6     H  N N 71  
DG  OP3    O  N N 72  
DG  P      P  N N 73  
DG  OP1    O  N N 74  
DG  OP2    O  N N 75  
DG  "O5'"  O  N N 76  
DG  "C5'"  C  N N 77  
DG  "C4'"  C  N R 78  
DG  "O4'"  O  N N 79  
DG  "C3'"  C  N S 80  
DG  "O3'"  O  N N 81  
DG  "C2'"  C  N N 82  
DG  "C1'"  C  N R 83  
DG  N9     N  Y N 84  
DG  C8     C  Y N 85  
DG  N7     N  Y N 86  
DG  C5     C  Y N 87  
DG  C6     C  N N 88  
DG  O6     O  N N 89  
DG  N1     N  N N 90  
DG  C2     C  N N 91  
DG  N2     N  N N 92  
DG  N3     N  N N 93  
DG  C4     C  Y N 94  
DG  HOP3   H  N N 95  
DG  HOP2   H  N N 96  
DG  "H5'"  H  N N 97  
DG  "H5''" H  N N 98  
DG  "H4'"  H  N N 99  
DG  "H3'"  H  N N 100 
DG  "HO3'" H  N N 101 
DG  "H2'"  H  N N 102 
DG  "H2''" H  N N 103 
DG  "H1'"  H  N N 104 
DG  H8     H  N N 105 
DG  H1     H  N N 106 
DG  H21    H  N N 107 
DG  H22    H  N N 108 
DT  OP3    O  N N 109 
DT  P      P  N N 110 
DT  OP1    O  N N 111 
DT  OP2    O  N N 112 
DT  "O5'"  O  N N 113 
DT  "C5'"  C  N N 114 
DT  "C4'"  C  N R 115 
DT  "O4'"  O  N N 116 
DT  "C3'"  C  N S 117 
DT  "O3'"  O  N N 118 
DT  "C2'"  C  N N 119 
DT  "C1'"  C  N R 120 
DT  N1     N  N N 121 
DT  C2     C  N N 122 
DT  O2     O  N N 123 
DT  N3     N  N N 124 
DT  C4     C  N N 125 
DT  O4     O  N N 126 
DT  C5     C  N N 127 
DT  C7     C  N N 128 
DT  C6     C  N N 129 
DT  HOP3   H  N N 130 
DT  HOP2   H  N N 131 
DT  "H5'"  H  N N 132 
DT  "H5''" H  N N 133 
DT  "H4'"  H  N N 134 
DT  "H3'"  H  N N 135 
DT  "HO3'" H  N N 136 
DT  "H2'"  H  N N 137 
DT  "H2''" H  N N 138 
DT  "H1'"  H  N N 139 
DT  H3     H  N N 140 
DT  H71    H  N N 141 
DT  H72    H  N N 142 
DT  H73    H  N N 143 
DT  H6     H  N N 144 
HOH O      O  N N 145 
HOH H1     H  N N 146 
HOH H2     H  N N 147 
RKL RU     RU N N 148 
RKL C1     C  Y N 149 
RKL N1     N  Y N 150 
RKL C2     C  Y N 151 
RKL N2     N  Y N 152 
RKL C3     C  Y N 153 
RKL N3     N  Y N 154 
RKL C4     C  Y N 155 
RKL N4     N  Y N 156 
RKL C5     C  Y N 157 
RKL N5     N  Y N 158 
RKL C6     C  Y N 159 
RKL N6     N  Y N 160 
RKL C7     C  Y N 161 
RKL N7     N  Y N 162 
RKL C8     C  Y N 163 
RKL N8     N  Y N 164 
RKL C9     C  Y N 165 
RKL N9     N  Y N 166 
RKL C10    C  Y N 167 
RKL N10    N  Y N 168 
RKL C11    C  Y N 169 
RKL N11    N  Y N 170 
RKL C12    C  Y N 171 
RKL N12    N  Y N 172 
RKL C13    C  Y N 173 
RKL C14    C  Y N 174 
RKL C15    C  Y N 175 
RKL C16    C  Y N 176 
RKL C17    C  Y N 177 
RKL C18    C  Y N 178 
RKL C19    C  Y N 179 
RKL C20    C  Y N 180 
RKL C21    C  Y N 181 
RKL C22    C  Y N 182 
RKL C23    C  Y N 183 
RKL C24    C  Y N 184 
RKL C25    C  Y N 185 
RKL C26    C  Y N 186 
RKL C27    C  Y N 187 
RKL C28    C  Y N 188 
RKL C29    C  Y N 189 
RKL C30    C  Y N 190 
RKL C31    C  Y N 191 
RKL C32    C  Y N 192 
RKL C33    C  Y N 193 
RKL C34    C  Y N 194 
RKL C35    C  Y N 195 
RKL C36    C  Y N 196 
RKL C37    C  Y N 197 
RKL C38    C  Y N 198 
RKL H2     H  N N 199 
RKL H3     H  N N 200 
RKL H4     H  N N 201 
RKL H9     H  N N 202 
RKL H11    H  N N 203 
RKL H12    H  N N 204 
RKL H14    H  N N 205 
RKL H16    H  N N 206 
RKL H17    H  N N 207 
RKL H18    H  N N 208 
RKL H20    H  N N 209 
RKL H21    H  N N 210 
RKL H23    H  N N 211 
RKL H24    H  N N 212 
RKL H27    H  N N 213 
RKL H28    H  N N 214 
RKL H30    H  N N 215 
RKL H31    H  N N 216 
RKL H33    H  N N 217 
RKL H34    H  N N 218 
RKL H37    H  N N 219 
RKL H38    H  N N 220 
# 
loop_
_chem_comp_bond.comp_id 
_chem_comp_bond.atom_id_1 
_chem_comp_bond.atom_id_2 
_chem_comp_bond.value_order 
_chem_comp_bond.pdbx_aromatic_flag 
_chem_comp_bond.pdbx_stereo_config 
_chem_comp_bond.pdbx_ordinal 
DA  OP3   P      sing N N 1   
DA  OP3   HOP3   sing N N 2   
DA  P     OP1    doub N N 3   
DA  P     OP2    sing N N 4   
DA  P     "O5'"  sing N N 5   
DA  OP2   HOP2   sing N N 6   
DA  "O5'" "C5'"  sing N N 7   
DA  "C5'" "C4'"  sing N N 8   
DA  "C5'" "H5'"  sing N N 9   
DA  "C5'" "H5''" sing N N 10  
DA  "C4'" "O4'"  sing N N 11  
DA  "C4'" "C3'"  sing N N 12  
DA  "C4'" "H4'"  sing N N 13  
DA  "O4'" "C1'"  sing N N 14  
DA  "C3'" "O3'"  sing N N 15  
DA  "C3'" "C2'"  sing N N 16  
DA  "C3'" "H3'"  sing N N 17  
DA  "O3'" "HO3'" sing N N 18  
DA  "C2'" "C1'"  sing N N 19  
DA  "C2'" "H2'"  sing N N 20  
DA  "C2'" "H2''" sing N N 21  
DA  "C1'" N9     sing N N 22  
DA  "C1'" "H1'"  sing N N 23  
DA  N9    C8     sing Y N 24  
DA  N9    C4     sing Y N 25  
DA  C8    N7     doub Y N 26  
DA  C8    H8     sing N N 27  
DA  N7    C5     sing Y N 28  
DA  C5    C6     sing Y N 29  
DA  C5    C4     doub Y N 30  
DA  C6    N6     sing N N 31  
DA  C6    N1     doub Y N 32  
DA  N6    H61    sing N N 33  
DA  N6    H62    sing N N 34  
DA  N1    C2     sing Y N 35  
DA  C2    N3     doub Y N 36  
DA  C2    H2     sing N N 37  
DA  N3    C4     sing Y N 38  
DC  OP3   P      sing N N 39  
DC  OP3   HOP3   sing N N 40  
DC  P     OP1    doub N N 41  
DC  P     OP2    sing N N 42  
DC  P     "O5'"  sing N N 43  
DC  OP2   HOP2   sing N N 44  
DC  "O5'" "C5'"  sing N N 45  
DC  "C5'" "C4'"  sing N N 46  
DC  "C5'" "H5'"  sing N N 47  
DC  "C5'" "H5''" sing N N 48  
DC  "C4'" "O4'"  sing N N 49  
DC  "C4'" "C3'"  sing N N 50  
DC  "C4'" "H4'"  sing N N 51  
DC  "O4'" "C1'"  sing N N 52  
DC  "C3'" "O3'"  sing N N 53  
DC  "C3'" "C2'"  sing N N 54  
DC  "C3'" "H3'"  sing N N 55  
DC  "O3'" "HO3'" sing N N 56  
DC  "C2'" "C1'"  sing N N 57  
DC  "C2'" "H2'"  sing N N 58  
DC  "C2'" "H2''" sing N N 59  
DC  "C1'" N1     sing N N 60  
DC  "C1'" "H1'"  sing N N 61  
DC  N1    C2     sing N N 62  
DC  N1    C6     sing N N 63  
DC  C2    O2     doub N N 64  
DC  C2    N3     sing N N 65  
DC  N3    C4     doub N N 66  
DC  C4    N4     sing N N 67  
DC  C4    C5     sing N N 68  
DC  N4    H41    sing N N 69  
DC  N4    H42    sing N N 70  
DC  C5    C6     doub N N 71  
DC  C5    H5     sing N N 72  
DC  C6    H6     sing N N 73  
DG  OP3   P      sing N N 74  
DG  OP3   HOP3   sing N N 75  
DG  P     OP1    doub N N 76  
DG  P     OP2    sing N N 77  
DG  P     "O5'"  sing N N 78  
DG  OP2   HOP2   sing N N 79  
DG  "O5'" "C5'"  sing N N 80  
DG  "C5'" "C4'"  sing N N 81  
DG  "C5'" "H5'"  sing N N 82  
DG  "C5'" "H5''" sing N N 83  
DG  "C4'" "O4'"  sing N N 84  
DG  "C4'" "C3'"  sing N N 85  
DG  "C4'" "H4'"  sing N N 86  
DG  "O4'" "C1'"  sing N N 87  
DG  "C3'" "O3'"  sing N N 88  
DG  "C3'" "C2'"  sing N N 89  
DG  "C3'" "H3'"  sing N N 90  
DG  "O3'" "HO3'" sing N N 91  
DG  "C2'" "C1'"  sing N N 92  
DG  "C2'" "H2'"  sing N N 93  
DG  "C2'" "H2''" sing N N 94  
DG  "C1'" N9     sing N N 95  
DG  "C1'" "H1'"  sing N N 96  
DG  N9    C8     sing Y N 97  
DG  N9    C4     sing Y N 98  
DG  C8    N7     doub Y N 99  
DG  C8    H8     sing N N 100 
DG  N7    C5     sing Y N 101 
DG  C5    C6     sing N N 102 
DG  C5    C4     doub Y N 103 
DG  C6    O6     doub N N 104 
DG  C6    N1     sing N N 105 
DG  N1    C2     sing N N 106 
DG  N1    H1     sing N N 107 
DG  C2    N2     sing N N 108 
DG  C2    N3     doub N N 109 
DG  N2    H21    sing N N 110 
DG  N2    H22    sing N N 111 
DG  N3    C4     sing N N 112 
DT  OP3   P      sing N N 113 
DT  OP3   HOP3   sing N N 114 
DT  P     OP1    doub N N 115 
DT  P     OP2    sing N N 116 
DT  P     "O5'"  sing N N 117 
DT  OP2   HOP2   sing N N 118 
DT  "O5'" "C5'"  sing N N 119 
DT  "C5'" "C4'"  sing N N 120 
DT  "C5'" "H5'"  sing N N 121 
DT  "C5'" "H5''" sing N N 122 
DT  "C4'" "O4'"  sing N N 123 
DT  "C4'" "C3'"  sing N N 124 
DT  "C4'" "H4'"  sing N N 125 
DT  "O4'" "C1'"  sing N N 126 
DT  "C3'" "O3'"  sing N N 127 
DT  "C3'" "C2'"  sing N N 128 
DT  "C3'" "H3'"  sing N N 129 
DT  "O3'" "HO3'" sing N N 130 
DT  "C2'" "C1'"  sing N N 131 
DT  "C2'" "H2'"  sing N N 132 
DT  "C2'" "H2''" sing N N 133 
DT  "C1'" N1     sing N N 134 
DT  "C1'" "H1'"  sing N N 135 
DT  N1    C2     sing N N 136 
DT  N1    C6     sing N N 137 
DT  C2    O2     doub N N 138 
DT  C2    N3     sing N N 139 
DT  N3    C4     sing N N 140 
DT  N3    H3     sing N N 141 
DT  C4    O4     doub N N 142 
DT  C4    C5     sing N N 143 
DT  C5    C7     sing N N 144 
DT  C5    C6     doub N N 145 
DT  C7    H71    sing N N 146 
DT  C7    H72    sing N N 147 
DT  C7    H73    sing N N 148 
DT  C6    H6     sing N N 149 
HOH O     H1     sing N N 150 
HOH O     H2     sing N N 151 
RKL RU    N1     sing N N 152 
RKL RU    N2     sing N N 153 
RKL RU    N5     sing N N 154 
RKL RU    N8     sing N N 155 
RKL RU    N9     sing N N 156 
RKL RU    N12    sing N N 157 
RKL C1    N2     doub Y N 158 
RKL C1    C5     sing Y N 159 
RKL C1    C10    sing Y N 160 
RKL N1    C10    doub Y N 161 
RKL N1    C12    sing Y N 162 
RKL C2    N2     sing Y N 163 
RKL C2    C3     doub Y N 164 
RKL C2    H2     sing N N 165 
RKL C3    C4     sing Y N 166 
RKL C3    H3     sing N N 167 
RKL N3    C6     doub Y N 168 
RKL N3    C15    sing Y N 169 
RKL C4    C5     doub Y N 170 
RKL C4    H4     sing N N 171 
RKL N4    C7     doub Y N 172 
RKL N4    C13    sing Y N 173 
RKL C5    C6     sing Y N 174 
RKL N5    C19    doub Y N 175 
RKL N5    C20    sing Y N 176 
RKL C6    C7     sing Y N 177 
RKL N6    C21    sing Y N 178 
RKL N6    C22    doub Y N 179 
RKL C7    C8     sing Y N 180 
RKL N7    C25    doub Y N 181 
RKL N7    C27    sing Y N 182 
RKL C8    C9     doub Y N 183 
RKL C8    C10    sing Y N 184 
RKL N8    C26    doub Y N 185 
RKL N8    C28    sing Y N 186 
RKL C9    C11    sing Y N 187 
RKL C9    H9     sing N N 188 
RKL N9    C29    doub Y N 189 
RKL N9    C30    sing Y N 190 
RKL N10   C31    sing Y N 191 
RKL N10   C32    doub Y N 192 
RKL C11   C12    doub Y N 193 
RKL C11   H11    sing N N 194 
RKL N11   C35    doub Y N 195 
RKL N11   C37    sing Y N 196 
RKL C12   H12    sing N N 197 
RKL N12   C36    doub Y N 198 
RKL N12   C38    sing Y N 199 
RKL C13   C14    sing Y N 200 
RKL C13   C15    doub Y N 201 
RKL C14   C18    doub Y N 202 
RKL C14   H14    sing N N 203 
RKL C15   C16    sing Y N 204 
RKL C16   C17    doub Y N 205 
RKL C16   H16    sing N N 206 
RKL C17   C18    sing Y N 207 
RKL C17   H17    sing N N 208 
RKL C18   H18    sing N N 209 
RKL C19   C22    sing Y N 210 
RKL C19   C26    sing Y N 211 
RKL C20   C21    doub Y N 212 
RKL C20   H20    sing N N 213 
RKL C21   H21    sing N N 214 
RKL C22   C23    sing Y N 215 
RKL C23   C24    doub Y N 216 
RKL C23   H23    sing N N 217 
RKL C24   C25    sing Y N 218 
RKL C24   H24    sing N N 219 
RKL C25   C26    sing Y N 220 
RKL C27   C28    doub Y N 221 
RKL C27   H27    sing N N 222 
RKL C28   H28    sing N N 223 
RKL C29   C32    sing Y N 224 
RKL C29   C36    sing Y N 225 
RKL C30   C31    doub Y N 226 
RKL C30   H30    sing N N 227 
RKL C31   H31    sing N N 228 
RKL C32   C33    sing Y N 229 
RKL C33   C34    doub Y N 230 
RKL C33   H33    sing N N 231 
RKL C34   C35    sing Y N 232 
RKL C34   H34    sing N N 233 
RKL C35   C36    sing Y N 234 
RKL C37   C38    doub Y N 235 
RKL C37   H37    sing N N 236 
RKL C38   H38    sing N N 237 
# 
loop_
_ndb_struct_conf_na.entry_id 
_ndb_struct_conf_na.feature 
3UYB 'double helix'        
3UYB 'b-form double helix' 
# 
loop_
_ndb_struct_na_base_pair.model_number 
_ndb_struct_na_base_pair.i_label_asym_id 
_ndb_struct_na_base_pair.i_label_comp_id 
_ndb_struct_na_base_pair.i_label_seq_id 
_ndb_struct_na_base_pair.i_symmetry 
_ndb_struct_na_base_pair.j_label_asym_id 
_ndb_struct_na_base_pair.j_label_comp_id 
_ndb_struct_na_base_pair.j_label_seq_id 
_ndb_struct_na_base_pair.j_symmetry 
_ndb_struct_na_base_pair.shear 
_ndb_struct_na_base_pair.stretch 
_ndb_struct_na_base_pair.stagger 
_ndb_struct_na_base_pair.buckle 
_ndb_struct_na_base_pair.propeller 
_ndb_struct_na_base_pair.opening 
_ndb_struct_na_base_pair.pair_number 
_ndb_struct_na_base_pair.pair_name 
_ndb_struct_na_base_pair.i_auth_asym_id 
_ndb_struct_na_base_pair.i_auth_seq_id 
_ndb_struct_na_base_pair.i_PDB_ins_code 
_ndb_struct_na_base_pair.j_auth_asym_id 
_ndb_struct_na_base_pair.j_auth_seq_id 
_ndb_struct_na_base_pair.j_PDB_ins_code 
_ndb_struct_na_base_pair.hbond_type_28 
_ndb_struct_na_base_pair.hbond_type_12 
1 A DT 1 1_555 A DA 10 7_556 0.078  -0.139 0.165  -16.988 26.637 9.446  1  A_DT1:DA10_A A 1 ? A 10 ? 20 1 
1 A DC 2 1_555 A DG 9  7_556 0.175  -0.104 0.084  -9.579  2.907  0.471  2  A_DC2:DG9_A  A 2 ? A 9  ? 19 1 
1 A DG 3 1_555 A DC 8  7_556 -0.248 -0.094 0.154  21.878  -6.600 0.319  3  A_DG3:DC8_A  A 3 ? A 8  ? 19 1 
1 A DG 4 1_555 A DC 7  7_556 -0.275 -0.154 -0.055 -6.770  4.713  -1.247 4  A_DG4:DC7_A  A 4 ? A 7  ? 19 1 
1 A DT 5 1_555 A DA 6  7_556 -0.054 -0.110 -0.260 16.805  12.243 6.847  5  A_DT5:DA6_A  A 5 ? A 6  ? 20 1 
1 A DT 1 1_555 A DA 10 1_555 0.078  -0.139 0.165  -16.988 26.637 9.446  6  A_DT1:DA10_A A 1 ? A 10 ? 20 1 
1 A DC 2 1_555 A DG 9  1_555 0.175  -0.104 0.084  -9.579  2.907  0.471  7  A_DC2:DG9_A  A 2 ? A 9  ? 19 1 
1 A DG 3 1_555 A DC 8  1_555 -0.248 -0.094 0.154  21.878  -6.600 0.319  8  A_DG3:DC8_A  A 3 ? A 8  ? 19 1 
1 A DG 4 1_555 A DC 7  1_555 -0.275 -0.154 -0.055 -6.770  4.713  -1.247 9  A_DG4:DC7_A  A 4 ? A 7  ? 19 1 
1 A DT 5 1_555 A DA 6  1_555 -0.054 -0.110 -0.260 16.805  12.243 6.847  10 A_DT5:DA6_A  A 5 ? A 6  ? 20 1 
# 
loop_
_ndb_struct_na_base_pair_step.model_number 
_ndb_struct_na_base_pair_step.i_label_asym_id_1 
_ndb_struct_na_base_pair_step.i_label_comp_id_1 
_ndb_struct_na_base_pair_step.i_label_seq_id_1 
_ndb_struct_na_base_pair_step.i_symmetry_1 
_ndb_struct_na_base_pair_step.j_label_asym_id_1 
_ndb_struct_na_base_pair_step.j_label_comp_id_1 
_ndb_struct_na_base_pair_step.j_label_seq_id_1 
_ndb_struct_na_base_pair_step.j_symmetry_1 
_ndb_struct_na_base_pair_step.i_label_asym_id_2 
_ndb_struct_na_base_pair_step.i_label_comp_id_2 
_ndb_struct_na_base_pair_step.i_label_seq_id_2 
_ndb_struct_na_base_pair_step.i_symmetry_2 
_ndb_struct_na_base_pair_step.j_label_asym_id_2 
_ndb_struct_na_base_pair_step.j_label_comp_id_2 
_ndb_struct_na_base_pair_step.j_label_seq_id_2 
_ndb_struct_na_base_pair_step.j_symmetry_2 
_ndb_struct_na_base_pair_step.shift 
_ndb_struct_na_base_pair_step.slide 
_ndb_struct_na_base_pair_step.rise 
_ndb_struct_na_base_pair_step.tilt 
_ndb_struct_na_base_pair_step.roll 
_ndb_struct_na_base_pair_step.twist 
_ndb_struct_na_base_pair_step.x_displacement 
_ndb_struct_na_base_pair_step.y_displacement 
_ndb_struct_na_base_pair_step.helical_rise 
_ndb_struct_na_base_pair_step.inclination 
_ndb_struct_na_base_pair_step.tip 
_ndb_struct_na_base_pair_step.helical_twist 
_ndb_struct_na_base_pair_step.step_number 
_ndb_struct_na_base_pair_step.step_name 
_ndb_struct_na_base_pair_step.i_auth_asym_id_1 
_ndb_struct_na_base_pair_step.i_auth_seq_id_1 
_ndb_struct_na_base_pair_step.i_PDB_ins_code_1 
_ndb_struct_na_base_pair_step.j_auth_asym_id_1 
_ndb_struct_na_base_pair_step.j_auth_seq_id_1 
_ndb_struct_na_base_pair_step.j_PDB_ins_code_1 
_ndb_struct_na_base_pair_step.i_auth_asym_id_2 
_ndb_struct_na_base_pair_step.i_auth_seq_id_2 
_ndb_struct_na_base_pair_step.i_PDB_ins_code_2 
_ndb_struct_na_base_pair_step.j_auth_asym_id_2 
_ndb_struct_na_base_pair_step.j_auth_seq_id_2 
_ndb_struct_na_base_pair_step.j_PDB_ins_code_2 
1 A DT 1 1_555 A DA 10 7_556 A DC 2 1_555 A DG 9 7_556 -2.040 0.508  6.748 11.185 -21.524 26.040 6.922  6.514  4.059 -38.730 
-20.127 35.444 1 AA_DT1DC2:DG9DA10_AA A 1 ? A 10 ? A 2 ? A 9 ? 
1 A DC 2 1_555 A DG 9  7_556 A DG 3 1_555 A DC 8 7_556 -0.100 1.480  2.706 0.167  5.468   21.852 2.017  0.310  2.982 14.141  
-0.433  22.518 2 AA_DC2DG3:DC8DG9_AA  A 2 ? A 9  ? A 3 ? A 8 ? 
1 A DG 3 1_555 A DC 8  7_556 A DG 4 1_555 A DC 7 7_556 0.035  0.783  4.973 -2.393 48.963  17.780 -4.988 -0.327 2.484 71.192  3.479 
51.958 3 AA_DG3DG4:DC7DC8_AA  A 3 ? A 8  ? A 4 ? A 7 ? 
1 A DG 4 1_555 A DC 7  7_556 A DT 5 1_555 A DA 6 7_556 0.726  -0.053 2.738 -0.780 9.366   15.325 -4.661 -2.699 2.280 31.543  2.626 
17.962 4 AA_DG4DT5:DA6DC7_AA  A 4 ? A 7  ? A 5 ? A 6 ? 
1 A DT 1 1_555 A DA 10 1_555 A DC 2 1_555 A DG 9 1_555 -2.040 0.508  6.748 11.185 -21.524 26.040 6.922  6.514  4.059 -38.730 
-20.127 35.444 5 AA_DT1DC2:DG9DA10_AA A 1 ? A 10 ? A 2 ? A 9 ? 
1 A DC 2 1_555 A DG 9  1_555 A DG 3 1_555 A DC 8 1_555 -0.100 1.480  2.706 0.167  5.468   21.852 2.017  0.310  2.982 14.141  
-0.433  22.518 6 AA_DC2DG3:DC8DG9_AA  A 2 ? A 9  ? A 3 ? A 8 ? 
1 A DG 3 1_555 A DC 8  1_555 A DG 4 1_555 A DC 7 1_555 0.035  0.783  4.973 -2.393 48.963  17.780 -4.988 -0.327 2.484 71.192  3.479 
51.958 7 AA_DG3DG4:DC7DC8_AA  A 3 ? A 8  ? A 4 ? A 7 ? 
1 A DG 4 1_555 A DC 7  1_555 A DT 5 1_555 A DA 6 1_555 0.726  -0.053 2.738 -0.780 9.366   15.325 -4.661 -2.699 2.280 31.543  2.626 
17.962 8 AA_DG4DT5:DA6DC7_AA  A 4 ? A 7  ? A 5 ? A 6 ? 
# 
_atom_sites.entry_id                    3UYB 
_atom_sites.fract_transf_matrix[1][1]   0.00090347 
_atom_sites.fract_transf_matrix[1][2]   -0.01819331 
_atom_sites.fract_transf_matrix[1][3]   -0.00252573 
_atom_sites.fract_transf_matrix[2][1]   0.00455308 
_atom_sites.fract_transf_matrix[2][2]   0.00267169 
_atom_sites.fract_transf_matrix[2][3]   -0.01761601 
_atom_sites.fract_transf_matrix[3][1]   0.03337224 
_atom_sites.fract_transf_matrix[3][2]   0.00045031 
_atom_sites.fract_transf_matrix[3][3]   0.00869377 
_atom_sites.fract_transf_vector[1]      -0.780040 
_atom_sites.fract_transf_vector[2]      -0.735519 
_atom_sites.fract_transf_vector[3]      0.584475 
# 
loop_
_atom_type.symbol 
BA 
C  
N  
O  
P  
RU 
# 
loop_
_atom_site.group_PDB 
_atom_site.id 
_atom_site.type_symbol 
_atom_site.label_atom_id 
_atom_site.label_alt_id 
_atom_site.label_comp_id 
_atom_site.label_asym_id 
_atom_site.label_entity_id 
_atom_site.label_seq_id 
_atom_site.pdbx_PDB_ins_code 
_atom_site.Cartn_x 
_atom_site.Cartn_y 
_atom_site.Cartn_z 
_atom_site.occupancy 
_atom_site.B_iso_or_equiv 
_atom_site.pdbx_formal_charge 
_atom_site.auth_seq_id 
_atom_site.auth_comp_id 
_atom_site.auth_asym_id 
_atom_site.auth_atom_id 
_atom_site.pdbx_PDB_model_num 
ATOM   1   O  "O5'" . DT  A 1 1  ? -10.213 -3.084  -19.606 0.50 31.19 ? 1  DT  A "O5'" 1 
ATOM   2   C  "C5'" . DT  A 1 1  ? -9.719  -3.121  -18.251 0.50 35.06 ? 1  DT  A "C5'" 1 
ATOM   3   C  "C4'" . DT  A 1 1  ? -9.197  -1.766  -17.820 0.50 23.24 ? 1  DT  A "C4'" 1 
ATOM   4   O  "O4'" . DT  A 1 1  ? -10.296 -0.817  -17.879 0.50 28.23 ? 1  DT  A "O4'" 1 
ATOM   5   C  "C3'" . DT  A 1 1  ? -8.695  -1.734  -16.369 0.50 22.26 ? 1  DT  A "C3'" 1 
ATOM   6   O  "O3'" . DT  A 1 1  ? -7.499  -1.013  -15.985 0.50 28.99 ? 1  DT  A "O3'" 1 
ATOM   7   C  "C2'" . DT  A 1 1  ? -9.864  -1.141  -15.618 0.50 21.98 ? 1  DT  A "C2'" 1 
ATOM   8   C  "C1'" . DT  A 1 1  ? -10.377 -0.157  -16.628 0.50 20.72 ? 1  DT  A "C1'" 1 
ATOM   9   N  N1    . DT  A 1 1  ? -11.771 0.201   -16.381 0.50 23.35 ? 1  DT  A N1    1 
ATOM   10  C  C2    . DT  A 1 1  ? -11.971 1.475   -15.913 0.50 15.56 ? 1  DT  A C2    1 
ATOM   11  O  O2    . DT  A 1 1  ? -11.088 2.285   -15.835 0.50 14.74 ? 1  DT  A O2    1 
ATOM   12  N  N3    . DT  A 1 1  ? -13.273 1.789   -15.647 0.50 14.90 ? 1  DT  A N3    1 
ATOM   13  C  C4    . DT  A 1 1  ? -14.371 0.959   -15.754 0.50 23.34 ? 1  DT  A C4    1 
ATOM   14  O  O4    . DT  A 1 1  ? -15.482 1.383   -15.466 0.50 24.26 ? 1  DT  A O4    1 
ATOM   15  C  C5    . DT  A 1 1  ? -14.092 -0.382  -16.219 0.50 24.64 ? 1  DT  A C5    1 
ATOM   16  C  C7    . DT  A 1 1  ? -15.228 -1.342  -16.393 0.50 30.21 ? 1  DT  A C7    1 
ATOM   17  C  C6    . DT  A 1 1  ? -12.818 -0.693  -16.503 0.50 26.18 ? 1  DT  A C6    1 
ATOM   18  P  P     A DC  A 1 2  ? -6.138  -1.084  -16.847 0.50 19.47 ? 2  DC  A P     1 
ATOM   19  P  P     B DC  A 1 2  ? -7.008  -1.786  -14.516 0.50 54.27 ? 2  DC  A P     1 
ATOM   20  O  OP1   A DC  A 1 2  ? -6.290  -0.622  -18.227 0.50 20.60 ? 2  DC  A OP1   1 
ATOM   21  O  OP1   B DC  A 1 2  ? -6.372  -3.120  -14.719 0.50 42.38 ? 2  DC  A OP1   1 
ATOM   22  O  OP2   A DC  A 1 2  ? -5.684  -2.452  -16.582 0.50 18.24 ? 2  DC  A OP2   1 
ATOM   23  O  OP2   B DC  A 1 2  ? -8.091  -1.686  -13.495 0.50 51.35 ? 2  DC  A OP2   1 
ATOM   24  O  "O5'" A DC  A 1 2  ? -5.268  -0.095  -15.963 0.50 15.99 ? 2  DC  A "O5'" 1 
ATOM   25  O  "O5'" B DC  A 1 2  ? -5.800  -1.011  -13.823 0.50 30.81 ? 2  DC  A "O5'" 1 
ATOM   26  C  "C5'" A DC  A 1 2  ? -4.838  -0.452  -14.640 0.50 14.91 ? 2  DC  A "C5'" 1 
ATOM   27  C  "C5'" B DC  A 1 2  ? -4.769  -0.478  -14.659 0.50 28.58 ? 2  DC  A "C5'" 1 
ATOM   28  C  "C4'" . DC  A 1 2  ? -4.165  0.743   -14.015 1.00 17.20 ? 2  DC  A "C4'" 1 
ATOM   29  O  "O4'" . DC  A 1 2  ? -5.176  1.704   -13.690 1.00 18.45 ? 2  DC  A "O4'" 1 
ATOM   30  C  "C3'" . DC  A 1 2  ? -3.415  0.452   -12.717 1.00 15.23 ? 2  DC  A "C3'" 1 
ATOM   31  O  "O3'" . DC  A 1 2  ? -2.045  0.233   -13.099 1.00 14.90 ? 2  DC  A "O3'" 1 
ATOM   32  C  "C2'" . DC  A 1 2  ? -3.604  1.720   -11.892 1.00 15.43 ? 2  DC  A "C2'" 1 
ATOM   33  C  "C1'" . DC  A 1 2  ? -4.846  2.375   -12.467 1.00 13.80 ? 2  DC  A "C1'" 1 
ATOM   34  N  N1    . DC  A 1 2  ? -6.018  2.282   -11.584 1.00 13.13 ? 2  DC  A N1    1 
ATOM   35  C  C2    . DC  A 1 2  ? -6.769  3.437   -11.309 1.00 12.81 ? 2  DC  A C2    1 
ATOM   36  O  O2    . DC  A 1 2  ? -6.412  4.524   -11.787 1.00 16.12 ? 2  DC  A O2    1 
ATOM   37  N  N3    . DC  A 1 2  ? -7.869  3.341   -10.541 1.00 14.05 ? 2  DC  A N3    1 
ATOM   38  C  C4    . DC  A 1 2  ? -8.229  2.167   -10.017 1.00 14.67 ? 2  DC  A C4    1 
ATOM   39  N  N4    . DC  A 1 2  ? -9.347  2.136   -9.297  1.00 15.88 ? 2  DC  A N4    1 
ATOM   40  C  C5    . DC  A 1 2  ? -7.514  0.968   -10.302 1.00 14.34 ? 2  DC  A C5    1 
ATOM   41  C  C6    . DC  A 1 2  ? -6.410  1.074   -11.074 1.00 13.26 ? 2  DC  A C6    1 
ATOM   42  P  P     . DG  A 1 3  ? -0.859  -0.072  -12.047 1.00 17.04 ? 3  DG  A P     1 
ATOM   43  O  OP1   . DG  A 1 3  ? 0.259   -0.593  -12.906 1.00 20.91 ? 3  DG  A OP1   1 
ATOM   44  O  OP2   . DG  A 1 3  ? -1.431  -0.908  -10.898 1.00 15.74 ? 3  DG  A OP2   1 
ATOM   45  O  "O5'" . DG  A 1 3  ? -0.433  1.320   -11.430 1.00 14.97 ? 3  DG  A "O5'" 1 
ATOM   46  C  "C5'" . DG  A 1 3  ? 0.265   2.328   -12.219 1.00 17.98 ? 3  DG  A "C5'" 1 
ATOM   47  C  "C4'" . DG  A 1 3  ? 0.158   3.662   -11.528 1.00 16.69 ? 3  DG  A "C4'" 1 
ATOM   48  O  "O4'" . DG  A 1 3  ? -1.233  4.089   -11.399 1.00 14.79 ? 3  DG  A "O4'" 1 
ATOM   49  C  "C3'" . DG  A 1 3  ? 0.730   3.711   -10.108 1.00 17.58 ? 3  DG  A "C3'" 1 
ATOM   50  O  "O3'" . DG  A 1 3  ? 2.092   4.049   -10.293 1.00 19.31 ? 3  DG  A "O3'" 1 
ATOM   51  C  "C2'" . DG  A 1 3  ? -0.049  4.849   -9.461  1.00 14.84 ? 3  DG  A "C2'" 1 
ATOM   52  C  "C1'" . DG  A 1 3  ? -1.396  4.782   -10.139 1.00 15.34 ? 3  DG  A "C1'" 1 
ATOM   53  N  N9    . DG  A 1 3  ? -2.443  4.091   -9.389  1.00 13.83 ? 3  DG  A N9    1 
ATOM   54  C  C8    . DG  A 1 3  ? -2.452  2.795   -8.946  1.00 14.89 ? 3  DG  A C8    1 
ATOM   55  N  N7    . DG  A 1 3  ? -3.593  2.441   -8.407  1.00 14.70 ? 3  DG  A N7    1 
ATOM   56  C  C5    . DG  A 1 3  ? -4.390  3.572   -8.515  1.00 12.97 ? 3  DG  A C5    1 
ATOM   57  C  C6    . DG  A 1 3  ? -5.733  3.807   -8.083  1.00 14.79 ? 3  DG  A C6    1 
ATOM   58  O  O6    . DG  A 1 3  ? -6.511  3.019   -7.526  1.00 14.48 ? 3  DG  A O6    1 
ATOM   59  N  N1    . DG  A 1 3  ? -6.141  5.116   -8.359  1.00 13.27 ? 3  DG  A N1    1 
ATOM   60  C  C2    . DG  A 1 3  ? -5.361  6.075   -8.972  1.00 12.87 ? 3  DG  A C2    1 
ATOM   61  N  N2    . DG  A 1 3  ? -5.935  7.279   -9.175  1.00 15.05 ? 3  DG  A N2    1 
ATOM   62  N  N3    . DG  A 1 3  ? -4.114  5.859   -9.386  1.00 13.96 ? 3  DG  A N3    1 
ATOM   63  C  C4    . DG  A 1 3  ? -3.693  4.606   -9.107  1.00 12.91 ? 3  DG  A C4    1 
ATOM   64  P  P     . DG  A 1 4  ? 3.236   3.367   -9.438  1.00 20.60 ? 4  DG  A P     1 
ATOM   65  O  OP1   . DG  A 1 4  ? 4.537   3.968   -9.958  1.00 26.49 ? 4  DG  A OP1   1 
ATOM   66  O  OP2   . DG  A 1 4  ? 3.046   1.955   -9.403  1.00 21.77 ? 4  DG  A OP2   1 
ATOM   67  O  "O5'" . DG  A 1 4  ? 3.002   3.931   -7.979  1.00 18.52 ? 4  DG  A "O5'" 1 
ATOM   68  C  "C5'" . DG  A 1 4  ? 3.094   5.344   -7.704  1.00 18.43 ? 4  DG  A "C5'" 1 
ATOM   69  C  "C4'" . DG  A 1 4  ? 2.787   5.559   -6.237  1.00 16.72 ? 4  DG  A "C4'" 1 
ATOM   70  O  "O4'" . DG  A 1 4  ? 1.388   5.277   -5.984  1.00 16.26 ? 4  DG  A "O4'" 1 
ATOM   71  C  "C3'" . DG  A 1 4  ? 3.583   4.680   -5.256  1.00 14.69 ? 4  DG  A "C3'" 1 
ATOM   72  O  "O3'" . DG  A 1 4  ? 4.048   5.527   -4.182  1.00 16.94 ? 4  DG  A "O3'" 1 
ATOM   73  C  "C2'" . DG  A 1 4  ? 2.594   3.624   -4.793  1.00 15.35 ? 4  DG  A "C2'" 1 
ATOM   74  C  "C1'" . DG  A 1 4  ? 1.291   4.410   -4.853  1.00 15.24 ? 4  DG  A "C1'" 1 
ATOM   75  N  N9    . DG  A 1 4  ? 0.106   3.597   -5.054  1.00 13.73 ? 4  DG  A N9    1 
ATOM   76  C  C8    . DG  A 1 4  ? -0.031  2.594   -5.980  1.00 14.03 ? 4  DG  A C8    1 
ATOM   77  N  N7    . DG  A 1 4  ? -1.233  2.083   -5.997  1.00 14.04 ? 4  DG  A N7    1 
ATOM   78  C  C5    . DG  A 1 4  ? -1.931  2.814   -5.036  1.00 13.35 ? 4  DG  A C5    1 
ATOM   79  C  C6    . DG  A 1 4  ? -3.307  2.772   -4.676  1.00 12.24 ? 4  DG  A C6    1 
ATOM   80  O  O6    . DG  A 1 4  ? -4.179  1.977   -5.073  1.00 14.85 ? 4  DG  A O6    1 
ATOM   81  N  N1    . DG  A 1 4  ? -3.620  3.730   -3.709  1.00 14.39 ? 4  DG  A N1    1 
ATOM   82  C  C2    . DG  A 1 4  ? -2.732  4.649   -3.194  1.00 12.89 ? 4  DG  A C2    1 
ATOM   83  N  N2    . DG  A 1 4  ? -3.220  5.503   -2.278  1.00 15.55 ? 4  DG  A N2    1 
ATOM   84  N  N3    . DG  A 1 4  ? -1.453  4.714   -3.548  1.00 15.28 ? 4  DG  A N3    1 
ATOM   85  C  C4    . DG  A 1 4  ? -1.142  3.804   -4.509  1.00 14.26 ? 4  DG  A C4    1 
ATOM   86  P  P     . DT  A 1 5  ? 5.132   5.094   -3.122  1.00 19.83 ? 5  DT  A P     1 
ATOM   87  O  OP1   . DT  A 1 5  ? 5.688   6.363   -2.482  1.00 21.67 ? 5  DT  A OP1   1 
ATOM   88  O  OP2   . DT  A 1 5  ? 6.064   4.084   -3.708  1.00 20.83 ? 5  DT  A OP2   1 
ATOM   89  O  "O5'" . DT  A 1 5  ? 4.294   4.299   -2.029  1.00 19.36 ? 5  DT  A "O5'" 1 
ATOM   90  C  "C5'" . DT  A 1 5  ? 3.411   4.983   -1.130  1.00 20.64 ? 5  DT  A "C5'" 1 
ATOM   91  C  "C4'" . DT  A 1 5  ? 2.582   3.964   -0.390  1.00 22.43 ? 5  DT  A "C4'" 1 
ATOM   92  O  "O4'" . DT  A 1 5  ? 1.528   3.488   -1.253  1.00 19.46 ? 5  DT  A "O4'" 1 
ATOM   93  C  "C3'" . DT  A 1 5  ? 3.334   2.703   0.095   1.00 17.64 ? 5  DT  A "C3'" 1 
ATOM   94  O  "O3'" . DT  A 1 5  ? 3.122   2.535   1.498   1.00 21.64 ? 5  DT  A "O3'" 1 
ATOM   95  C  "C2'" . DT  A 1 5  ? 2.696   1.560   -0.682  1.00 20.30 ? 5  DT  A "C2'" 1 
ATOM   96  C  "C1'" . DT  A 1 5  ? 1.307   2.148   -0.830  1.00 17.89 ? 5  DT  A "C1'" 1 
ATOM   97  N  N1    . DT  A 1 5  ? 0.393   1.506   -1.784  1.00 17.00 ? 5  DT  A N1    1 
ATOM   98  C  C2    . DT  A 1 5  ? -0.952  1.659   -1.523  1.00 15.58 ? 5  DT  A C2    1 
ATOM   99  O  O2    . DT  A 1 5  ? -1.389  2.393   -0.648  1.00 16.44 ? 5  DT  A O2    1 
ATOM   100 N  N3    . DT  A 1 5  ? -1.774  0.991   -2.382  1.00 15.40 ? 5  DT  A N3    1 
ATOM   101 C  C4    . DT  A 1 5  ? -1.399  0.175   -3.438  1.00 16.08 ? 5  DT  A C4    1 
ATOM   102 O  O4    . DT  A 1 5  ? -2.258  -0.366  -4.121  1.00 16.14 ? 5  DT  A O4    1 
ATOM   103 C  C5    . DT  A 1 5  ? 0.025   0.068   -3.667  1.00 15.97 ? 5  DT  A C5    1 
ATOM   104 C  C7    . DT  A 1 5  ? 0.513   -0.794  -4.790  1.00 17.44 ? 5  DT  A C7    1 
ATOM   105 C  C6    . DT  A 1 5  ? 0.843   0.699   -2.815  1.00 16.15 ? 5  DT  A C6    1 
ATOM   106 P  P     . DA  A 1 6  ? 4.342   2.261   2.461   1.00 23.64 ? 6  DA  A P     1 
ATOM   107 O  OP1   . DA  A 1 6  ? 5.000   3.546   2.601   1.00 27.06 ? 6  DA  A OP1   1 
ATOM   108 O  OP2   . DA  A 1 6  ? 5.116   1.095   2.012   1.00 25.80 ? 6  DA  A OP2   1 
ATOM   109 O  "O5'" . DA  A 1 6  ? 3.543   1.858   3.774   1.00 21.12 ? 6  DA  A "O5'" 1 
ATOM   110 C  "C5'" . DA  A 1 6  ? 2.792   2.847   4.530   1.00 21.99 ? 6  DA  A "C5'" 1 
ATOM   111 C  "C4'" . DA  A 1 6  ? 2.240   2.146   5.741   1.00 18.44 ? 6  DA  A "C4'" 1 
ATOM   112 O  "O4'" . DA  A 1 6  ? 1.292   1.116   5.368   1.00 18.12 ? 6  DA  A "O4'" 1 
ATOM   113 C  "C3'" . DA  A 1 6  ? 3.315   1.480   6.595   1.00 21.93 ? 6  DA  A "C3'" 1 
ATOM   114 O  "O3'" . DA  A 1 6  ? 3.019   1.858   7.935   1.00 24.89 ? 6  DA  A "O3'" 1 
ATOM   115 C  "C2'" . DA  A 1 6  ? 3.160   -0.016  6.330   1.00 20.58 ? 6  DA  A "C2'" 1 
ATOM   116 C  "C1'" . DA  A 1 6  ? 1.756   -0.195  5.740   1.00 17.23 ? 6  DA  A "C1'" 1 
ATOM   117 N  N9    . DA  A 1 6  ? 1.748   -1.058  4.544   1.00 16.97 ? 6  DA  A N9    1 
ATOM   118 C  C8    . DA  A 1 6  ? 2.764   -1.237  3.630   1.00 16.26 ? 6  DA  A C8    1 
ATOM   119 N  N7    . DA  A 1 6  ? 2.467   -2.083  2.666   1.00 17.12 ? 6  DA  A N7    1 
ATOM   120 C  C5    . DA  A 1 6  ? 1.190   -2.520  2.983   1.00 15.90 ? 6  DA  A C5    1 
ATOM   121 C  C6    . DA  A 1 6  ? 0.306   -3.417  2.336   1.00 12.06 ? 6  DA  A C6    1 
ATOM   122 N  N6    . DA  A 1 6  ? 0.626   -4.110  1.238   1.00 15.02 ? 6  DA  A N6    1 
ATOM   123 N  N1    . DA  A 1 6  ? -0.914  -3.613  2.899   1.00 13.95 ? 6  DA  A N1    1 
ATOM   124 C  C2    . DA  A 1 6  ? -1.217  -2.934  4.025   1.00 16.54 ? 6  DA  A C2    1 
ATOM   125 N  N3    . DA  A 1 6  ? -0.499  -2.024  4.682   1.00 15.36 ? 6  DA  A N3    1 
ATOM   126 C  C4    . DA  A 1 6  ? 0.718   -1.876  4.119   1.00 15.13 ? 6  DA  A C4    1 
ATOM   127 P  P     . DC  A 1 7  ? 4.032   1.430   9.106   1.00 27.24 ? 7  DC  A P     1 
ATOM   128 O  OP1   . DC  A 1 7  ? 3.778   2.377   10.205  1.00 37.74 ? 7  DC  A OP1   1 
ATOM   129 O  OP2   . DC  A 1 7  ? 5.360   1.224   8.496   1.00 28.24 ? 7  DC  A OP2   1 
ATOM   130 O  "O5'" . DC  A 1 7  ? 3.625   -0.039  9.527   1.00 20.55 ? 7  DC  A "O5'" 1 
ATOM   131 C  "C5'" . DC  A 1 7  ? 2.444   -0.244  10.298  1.00 20.54 ? 7  DC  A "C5'" 1 
ATOM   132 C  "C4'" . DC  A 1 7  ? 2.091   -1.706  10.276  1.00 19.84 ? 7  DC  A "C4'" 1 
ATOM   133 O  "O4'" . DC  A 1 7  ? 1.604   -2.027  8.991   1.00 18.04 ? 7  DC  A "O4'" 1 
ATOM   134 C  "C3'" . DC  A 1 7  ? 3.206   -2.721  10.433  1.00 17.62 ? 7  DC  A "C3'" 1 
ATOM   135 O  "O3'" . DC  A 1 7  ? 3.660   -2.678  11.802  1.00 20.57 ? 7  DC  A "O3'" 1 
ATOM   136 C  "C2'" . DC  A 1 7  ? 2.502   -3.999  9.972   1.00 16.17 ? 7  DC  A "C2'" 1 
ATOM   137 C  "C1'" . DC  A 1 7  ? 1.427   -3.426  8.988   1.00 17.32 ? 7  DC  A "C1'" 1 
ATOM   138 N  N1    . DC  A 1 7  ? 1.589   -3.911  7.600   1.00 15.54 ? 7  DC  A N1    1 
ATOM   139 C  C2    . DC  A 1 7  ? 0.500   -4.525  6.964   1.00 14.33 ? 7  DC  A C2    1 
ATOM   140 O  O2    . DC  A 1 7  ? -0.610  -4.565  7.549   1.00 15.86 ? 7  DC  A O2    1 
ATOM   141 N  N3    . DC  A 1 7  ? 0.679   -5.085  5.746   1.00 14.21 ? 7  DC  A N3    1 
ATOM   142 C  C4    . DC  A 1 7  ? 1.863   -5.009  5.136   1.00 13.46 ? 7  DC  A C4    1 
ATOM   143 N  N4    . DC  A 1 7  ? 1.982   -5.607  3.952   1.00 14.97 ? 7  DC  A N4    1 
ATOM   144 C  C5    . DC  A 1 7  ? 2.972   -4.323  5.723   1.00 14.95 ? 7  DC  A C5    1 
ATOM   145 C  C6    . DC  A 1 7  ? 2.805   -3.839  6.972   1.00 16.51 ? 7  DC  A C6    1 
ATOM   146 P  P     . DC  A 1 8  ? 5.057   -3.301  12.145  1.00 21.81 ? 8  DC  A P     1 
ATOM   147 O  OP1   . DC  A 1 8  ? 5.368   -2.751  13.479  1.00 29.99 ? 8  DC  A OP1   1 
ATOM   148 O  OP2   . DC  A 1 8  ? 6.047   -3.155  11.030  1.00 27.00 ? 8  DC  A OP2   1 
ATOM   149 O  "O5'" . DC  A 1 8  ? 4.751   -4.855  12.274  1.00 18.05 ? 8  DC  A "O5'" 1 
ATOM   150 C  "C5'" . DC  A 1 8  ? 3.932   -5.416  13.327  1.00 16.54 ? 8  DC  A "C5'" 1 
ATOM   151 C  "C4'" . DC  A 1 8  ? 3.757   -6.899  13.063  1.00 14.11 ? 8  DC  A "C4'" 1 
ATOM   152 O  "O4'" . DC  A 1 8  ? 3.082   -7.095  11.825  1.00 13.98 ? 8  DC  A "O4'" 1 
ATOM   153 C  "C3'" . DC  A 1 8  ? 5.058   -7.685  12.902  1.00 15.92 ? 8  DC  A "C3'" 1 
ATOM   154 O  "O3'" . DC  A 1 8  ? 5.454   -8.047  14.205  1.00 16.52 ? 8  DC  A "O3'" 1 
ATOM   155 C  "C2'" . DC  A 1 8  ? 4.614   -8.913  12.122  1.00 15.73 ? 8  DC  A "C2'" 1 
ATOM   156 C  "C1'" . DC  A 1 8  ? 3.468   -8.362  11.269  1.00 16.18 ? 8  DC  A "C1'" 1 
ATOM   157 N  N1    . DC  A 1 8  ? 3.718   -8.141  9.836   1.00 12.89 ? 8  DC  A N1    1 
ATOM   158 C  C2    . DC  A 1 8  ? 3.182   -9.038  8.910   1.00 13.70 ? 8  DC  A C2    1 
ATOM   159 O  O2    . DC  A 1 8  ? 2.525   -10.020 9.335   1.00 12.78 ? 8  DC  A O2    1 
ATOM   160 N  N3    . DC  A 1 8  ? 3.326   -8.768  7.583   1.00 12.51 ? 8  DC  A N3    1 
ATOM   161 C  C4    . DC  A 1 8  ? 4.038   -7.704  7.191   1.00 15.30 ? 8  DC  A C4    1 
ATOM   162 N  N4    . DC  A 1 8  ? 4.147   -7.471  5.877   1.00 14.25 ? 8  DC  A N4    1 
ATOM   163 C  C5    . DC  A 1 8  ? 4.710   -6.862  8.125   1.00 14.75 ? 8  DC  A C5    1 
ATOM   164 C  C6    . DC  A 1 8  ? 4.481   -7.084  9.420   1.00 14.39 ? 8  DC  A C6    1 
ATOM   165 P  P     . DG  A 1 9  ? 7.012   -8.330  14.494  1.00 17.09 ? 9  DG  A P     1 
ATOM   166 O  OP1   . DG  A 1 9  ? 7.208   -8.172  15.960  1.00 22.72 ? 9  DG  A OP1   1 
ATOM   167 O  OP2   . DG  A 1 9  ? 7.884   -7.546  13.581  1.00 19.33 ? 9  DG  A OP2   1 
ATOM   168 O  "O5'" . DG  A 1 9  ? 7.152   -9.866  14.085  1.00 15.60 ? 9  DG  A "O5'" 1 
ATOM   169 C  "C5'" . DG  A 1 9  ? 6.557   -10.909 14.918  1.00 17.47 ? 9  DG  A "C5'" 1 
ATOM   170 C  "C4'" . DG  A 1 9  ? 6.632   -12.211 14.156  1.00 16.92 ? 9  DG  A "C4'" 1 
ATOM   171 O  "O4'" . DG  A 1 9  ? 5.822   -12.065 12.983  1.00 15.29 ? 9  DG  A "O4'" 1 
ATOM   172 C  "C3'" . DG  A 1 9  ? 8.028   -12.523 13.630  1.00 16.37 ? 9  DG  A "C3'" 1 
ATOM   173 O  "O3'" . DG  A 1 9  ? 8.626   -13.310 14.659  1.00 19.74 ? 9  DG  A "O3'" 1 
ATOM   174 C  "C2'" . DG  A 1 9  ? 7.768   -13.292 12.352  1.00 14.19 ? 9  DG  A "C2'" 1 
ATOM   175 C  "C1'" . DG  A 1 9  ? 6.443   -12.672 11.866  1.00 15.84 ? 9  DG  A "C1'" 1 
ATOM   176 N  N9    . DG  A 1 9  ? 6.599   -11.662 10.832  1.00 15.45 ? 9  DG  A N9    1 
ATOM   177 C  C8    . DG  A 1 9  ? 7.426   -10.561 10.810  1.00 15.42 ? 9  DG  A C8    1 
ATOM   178 N  N7    . DG  A 1 9  ? 7.365   -9.907  9.684   1.00 15.86 ? 9  DG  A N7    1 
ATOM   179 C  C5    . DG  A 1 9  ? 6.504   -10.657 8.891   1.00 15.30 ? 9  DG  A C5    1 
ATOM   180 C  C6    . DG  A 1 9  ? 6.154   -10.520 7.508   1.00 14.61 ? 9  DG  A C6    1 
ATOM   181 O  O6    . DG  A 1 9  ? 6.475   -9.625  6.719   1.00 14.75 ? 9  DG  A O6    1 
ATOM   182 N  N1    . DG  A 1 9  ? 5.276   -11.525 7.099   1.00 13.37 ? 9  DG  A N1    1 
ATOM   183 C  C2    . DG  A 1 9  ? 4.850   -12.571 7.887   1.00 14.40 ? 9  DG  A C2    1 
ATOM   184 N  N2    . DG  A 1 9  ? 4.073   -13.489 7.298   1.00 12.03 ? 9  DG  A N2    1 
ATOM   185 N  N3    . DG  A 1 9  ? 5.221   -12.742 9.150   1.00 15.09 ? 9  DG  A N3    1 
ATOM   186 C  C4    . DG  A 1 9  ? 6.060   -11.768 9.573   1.00 12.72 ? 9  DG  A C4    1 
ATOM   187 P  P     . DA  A 1 10 ? 10.173  -13.840 14.554  1.00 19.32 ? 10 DA  A P     1 
ATOM   188 O  OP1   . DA  A 1 10 ? 10.560  -14.223 15.950  1.00 21.86 ? 10 DA  A OP1   1 
ATOM   189 O  OP2   . DA  A 1 10 ? 10.980  -12.797 13.798  1.00 21.07 ? 10 DA  A OP2   1 
ATOM   190 O  "O5'" . DA  A 1 10 ? 10.128  -15.140 13.640  1.00 18.27 ? 10 DA  A "O5'" 1 
ATOM   191 C  "C5'" . DA  A 1 10 ? 9.336   -16.288 14.009  1.00 17.26 ? 10 DA  A "C5'" 1 
ATOM   192 C  "C4'" . DA  A 1 10 ? 9.394   -17.287 12.881  1.00 17.68 ? 10 DA  A "C4'" 1 
ATOM   193 O  "O4'" . DA  A 1 10 ? 8.977   -16.672 11.641  1.00 19.73 ? 10 DA  A "O4'" 1 
ATOM   194 C  "C3'" . DA  A 1 10 ? 10.787  -17.826 12.566  1.00 16.75 ? 10 DA  A "C3'" 1 
ATOM   195 O  "O3'" . DA  A 1 10 ? 11.167  -18.856 13.479  1.00 17.54 ? 10 DA  A "O3'" 1 
ATOM   196 C  "C2'" . DA  A 1 10 ? 10.600  -18.329 11.150  1.00 16.63 ? 10 DA  A "C2'" 1 
ATOM   197 C  "C1'" . DA  A 1 10 ? 9.751   -17.228 10.563  1.00 19.05 ? 10 DA  A "C1'" 1 
ATOM   198 N  N9    . DA  A 1 10 ? 10.558  -16.159 9.987   1.00 19.99 ? 10 DA  A N9    1 
ATOM   199 C  C8    . DA  A 1 10 ? 11.418  -15.290 10.628  1.00 18.98 ? 10 DA  A C8    1 
ATOM   200 N  N7    . DA  A 1 10 ? 11.999  -14.439 9.823   1.00 17.52 ? 10 DA  A N7    1 
ATOM   201 C  C5    . DA  A 1 10 ? 11.589  -14.839 8.561   1.00 15.76 ? 10 DA  A C5    1 
ATOM   202 C  C6    . DA  A 1 10 ? 11.812  -14.285 7.288   1.00 18.01 ? 10 DA  A C6    1 
ATOM   203 N  N6    . DA  A 1 10 ? 12.658  -13.276 7.068   1.00 18.89 ? 10 DA  A N6    1 
ATOM   204 N  N1    . DA  A 1 10 ? 11.163  -14.838 6.235   1.00 18.01 ? 10 DA  A N1    1 
ATOM   205 C  C2    . DA  A 1 10 ? 10.316  -15.856 6.470   1.00 17.10 ? 10 DA  A C2    1 
ATOM   206 N  N3    . DA  A 1 10 ? 10.017  -16.454 7.627   1.00 17.03 ? 10 DA  A N3    1 
ATOM   207 C  C4    . DA  A 1 10 ? 10.655  -15.858 8.649   1.00 19.17 ? 10 DA  A C4    1 
HETATM 208 RU RU    . RKL B 2 .  ? -3.303  1.560   4.096   0.50 16.39 ? 11 RKL A RU    1 
HETATM 209 C  C1    . RKL B 2 .  ? -2.065  0.117   2.054   0.50 11.46 ? 11 RKL A C1    1 
HETATM 210 N  N1    . RKL B 2 .  ? -4.288  0.414   2.907   0.50 15.27 ? 11 RKL A N1    1 
HETATM 211 C  C2    . RKL B 2 .  ? -0.429  1.366   3.129   0.50 11.27 ? 11 RKL A C2    1 
HETATM 212 N  N2    . RKL B 2 .  ? -1.746  0.967   3.093   0.50 15.08 ? 11 RKL A N2    1 
HETATM 213 C  C3    . RKL B 2 .  ? 0.576   0.839   2.302   0.50 12.68 ? 11 RKL A C3    1 
HETATM 214 N  N3    . RKL B 2 .  ? -0.618  -1.940  -0.715  0.50 11.76 ? 11 RKL A N3    1 
HETATM 215 C  C4    . RKL B 2 .  ? 0.236   -0.085  1.300   0.50 11.62 ? 11 RKL A C4    1 
HETATM 216 N  N4    . RKL B 2 .  ? -3.287  -2.603  -0.885  0.50 13.59 ? 11 RKL A N4    1 
HETATM 217 C  C5    . RKL B 2 .  ? -1.124  -0.462  1.157   0.50 11.85 ? 11 RKL A C5    1 
HETATM 218 N  N5    . RKL B 2 .  ? -3.638  2.935   2.875   0.50 15.93 ? 11 RKL A N5    1 
HETATM 219 C  C6    . RKL B 2 .  ? -1.532  -1.368  0.159   0.50 11.43 ? 11 RKL A C6    1 
HETATM 220 N  N6    . RKL B 2 .  ? -4.471  5.257   1.331   0.50 18.40 ? 11 RKL A N6    1 
HETATM 221 C  C7    . RKL B 2 .  ? -2.903  -1.720  0.080   0.50 13.48 ? 11 RKL A C7    1 
HETATM 222 N  N7    . RKL B 2 .  ? -7.228  3.424   5.730   0.50 20.66 ? 11 RKL A N7    1 
HETATM 223 C  C8    . RKL B 2 .  ? -3.849  -1.169  0.998   0.50 12.55 ? 11 RKL A C8    1 
HETATM 224 N  N8    . RKL B 2 .  ? -4.821  2.144   4.992   0.50 19.70 ? 11 RKL A N8    1 
HETATM 225 C  C9    . RKL B 2 .  ? -5.217  -1.466  0.907   0.50 14.64 ? 11 RKL A C9    1 
HETATM 226 N  N9    . RKL B 2 .  ? -2.968  0.192   5.394   0.50 15.05 ? 11 RKL A N9    1 
HETATM 227 C  C10   . RKL B 2 .  ? -3.445  -0.231  1.987   0.50 14.80 ? 11 RKL A C10   1 
HETATM 228 N  N10   . RKL B 2 .  ? -2.201  -1.512  7.672   0.50 13.95 ? 11 RKL A N10   1 
HETATM 229 C  C11   . RKL B 2 .  ? -6.079  -0.867  1.845   0.50 12.06 ? 11 RKL A C11   1 
HETATM 230 N  N11   . RKL B 2 .  ? -0.428  3.729   7.133   0.50 18.33 ? 11 RKL A N11   1 
HETATM 231 C  C12   . RKL B 2 .  ? -5.598  0.024   2.810   0.50 15.83 ? 11 RKL A C12   1 
HETATM 232 N  N12   . RKL B 2 .  ? -2.278  2.629   5.242   0.50 15.94 ? 11 RKL A N12   1 
HETATM 233 C  C13   . RKL B 2 .  ? -2.392  -3.139  -1.739  0.50 13.05 ? 11 RKL A C13   1 
HETATM 234 C  C14   . RKL B 2 .  ? -2.796  -4.024  -2.714  0.50 14.38 ? 11 RKL A C14   1 
HETATM 235 C  C15   . RKL B 2 .  ? -1.027  -2.795  -1.672  0.50 10.07 ? 11 RKL A C15   1 
HETATM 236 C  C16   . RKL B 2 .  ? -0.094  -3.381  -2.539  0.50 12.99 ? 11 RKL A C16   1 
HETATM 237 C  C17   . RKL B 2 .  ? -0.529  -4.274  -3.525  0.50 13.12 ? 11 RKL A C17   1 
HETATM 238 C  C18   . RKL B 2 .  ? -1.878  -4.599  -3.598  0.50 16.04 ? 11 RKL A C18   1 
HETATM 239 C  C19   . RKL B 2 .  ? -4.725  3.688   3.186   0.50 16.28 ? 11 RKL A C19   1 
HETATM 240 C  C20   . RKL B 2 .  ? -2.934  3.486   1.856   0.50 15.52 ? 11 RKL A C20   1 
HETATM 241 C  C21   . RKL B 2 .  ? -3.377  4.534   1.041   0.50 16.86 ? 11 RKL A C21   1 
HETATM 242 C  C22   . RKL B 2 .  ? -5.170  4.796   2.417   0.50 19.40 ? 11 RKL A C22   1 
HETATM 243 C  C23   . RKL B 2 .  ? -6.366  5.440   2.786   0.50 18.89 ? 11 RKL A C23   1 
HETATM 244 C  C24   . RKL B 2 .  ? -7.043  4.940   3.920   0.50 16.16 ? 11 RKL A C24   1 
HETATM 245 C  C25   . RKL B 2 .  ? -6.578  3.880   4.644   0.50 16.29 ? 11 RKL A C25   1 
HETATM 246 C  C26   . RKL B 2 .  ? -5.404  3.216   4.301   0.50 18.29 ? 11 RKL A C26   1 
HETATM 247 C  C27   . RKL B 2 .  ? -6.732  2.356   6.406   0.50 17.39 ? 11 RKL A C27   1 
HETATM 248 C  C28   . RKL B 2 .  ? -5.542  1.684   6.045   0.50 19.51 ? 11 RKL A C28   1 
HETATM 249 C  C29   . RKL B 2 .  ? -2.166  0.606   6.444   0.50 13.83 ? 11 RKL A C29   1 
HETATM 250 C  C30   . RKL B 2 .  ? -3.457  -1.088  5.650   0.50 13.76 ? 11 RKL A C30   1 
HETATM 251 C  C31   . RKL B 2 .  ? -3.032  -1.928  6.695   0.50 15.94 ? 11 RKL A C31   1 
HETATM 252 C  C32   . RKL B 2 .  ? -1.733  -0.221  7.530   0.50 16.19 ? 11 RKL A C32   1 
HETATM 253 C  C33   . RKL B 2 .  ? -0.871  0.314   8.529   0.50 12.88 ? 11 RKL A C33   1 
HETATM 254 C  C34   . RKL B 2 .  ? -0.425  1.640   8.346   0.50 15.77 ? 11 RKL A C34   1 
HETATM 255 C  C35   . RKL B 2 .  ? -0.863  2.432   7.281   0.50 11.94 ? 11 RKL A C35   1 
HETATM 256 C  C36   . RKL B 2 .  ? -1.732  1.916   6.301   0.50 13.74 ? 11 RKL A C36   1 
HETATM 257 C  C37   . RKL B 2 .  ? -0.868  4.424   6.047   0.50 19.53 ? 11 RKL A C37   1 
HETATM 258 C  C38   . RKL B 2 .  ? -1.761  3.882   5.082   0.50 19.08 ? 11 RKL A C38   1 
HETATM 259 RU RU    . RKL C 2 .  ? -2.942  10.620  -3.623  1.00 14.04 ? 12 RKL A RU    1 
HETATM 260 C  C1    . RKL C 2 .  ? -4.562  12.898  -3.346  1.00 12.44 ? 12 RKL A C1    1 
HETATM 261 N  N1    . RKL C 2 .  ? -3.652  11.609  -5.167  1.00 15.70 ? 12 RKL A N1    1 
HETATM 262 C  C2    . RKL C 2 .  ? -3.839  12.241  -1.217  1.00 13.35 ? 12 RKL A C2    1 
HETATM 263 N  N2    . RKL C 2 .  ? -3.687  12.076  -2.603  1.00 15.64 ? 12 RKL A N2    1 
HETATM 264 C  C3    . RKL C 2 .  ? -4.605  13.269  -0.635  1.00 13.17 ? 12 RKL A C3    1 
HETATM 265 N  N3    . RKL C 2 .  ? -6.968  15.736  -3.253  1.00 20.07 ? 12 RKL A N3    1 
HETATM 266 C  C4    . RKL C 2 .  ? -5.387  14.156  -1.423  1.00 14.32 ? 12 RKL A C4    1 
HETATM 267 N  N4    . RKL C 2 .  ? -6.774  15.321  -5.964  1.00 16.10 ? 12 RKL A N4    1 
HETATM 268 C  C5    . RKL C 2 .  ? -5.375  13.998  -2.817  1.00 13.00 ? 12 RKL A C5    1 
HETATM 269 N  N5    . RKL C 2 .  ? -4.629  9.601   -3.662  1.00 13.87 ? 12 RKL A N5    1 
HETATM 270 C  C6    . RKL C 2 .  ? -6.109  14.776  -3.719  1.00 16.84 ? 12 RKL A C6    1 
HETATM 271 N  N6    . RKL C 2 .  ? -6.801  7.716   -4.049  1.00 13.01 ? 12 RKL A N6    1 
HETATM 272 C  C7    . RKL C 2 .  ? -6.009  14.558  -5.143  1.00 15.86 ? 12 RKL A C7    1 
HETATM 273 N  N7    . RKL C 2 .  ? -1.866  6.638   -6.254  1.00 12.36 ? 12 RKL A N7    1 
HETATM 274 C  C8    . RKL C 2 .  ? -5.133  13.575  -5.705  1.00 13.97 ? 12 RKL A C8    1 
HETATM 275 N  N8    . RKL C 2 .  ? -2.262  9.082   -4.719  1.00 13.20 ? 12 RKL A N8    1 
HETATM 276 C  C9    . RKL C 2 .  ? -4.969  13.367  -7.076  1.00 15.25 ? 12 RKL A C9    1 
HETATM 277 N  N9    . RKL C 2 .  ? -1.208  11.565  -3.573  1.00 14.06 ? 12 RKL A N9    1 
HETATM 278 C  C10   . RKL C 2 .  ? -4.422  12.732  -4.781  1.00 11.52 ? 12 RKL A C10   1 
HETATM 279 N  N10   . RKL C 2 .  ? 1.435   12.570  -3.203  1.00 14.42 ? 12 RKL A N10   1 
HETATM 280 C  C11   . RKL C 2 .  ? -4.149  12.285  -7.462  1.00 14.13 ? 12 RKL A C11   1 
HETATM 281 N  N11   . RKL C 2 .  ? -0.703  8.819   0.182   1.00 15.80 ? 12 RKL A N11   1 
HETATM 282 C  C12   . RKL C 2 .  ? -3.460  11.456  -6.551  1.00 14.59 ? 12 RKL A C12   1 
HETATM 283 N  N12   . RKL C 2 .  ? -2.217  9.732   -2.065  1.00 15.38 ? 12 RKL A N12   1 
HETATM 284 C  C13   . RKL C 2 .  ? -7.587  16.266  -5.489  1.00 17.61 ? 12 RKL A C13   1 
HETATM 285 C  C14   . RKL C 2 .  ? -8.339  17.005  -6.414  1.00 21.35 ? 12 RKL A C14   1 
HETATM 286 C  C15   . RKL C 2 .  ? -7.688  16.463  -4.123  1.00 20.10 ? 12 RKL A C15   1 
HETATM 287 C  C16   . RKL C 2 .  ? -8.512  17.479  -3.658  1.00 21.38 ? 12 RKL A C16   1 
HETATM 288 C  C17   . RKL C 2 .  ? -9.250  18.216  -4.577  1.00 22.62 ? 12 RKL A C17   1 
HETATM 289 C  C18   . RKL C 2 .  ? -9.196  18.003  -5.937  1.00 19.44 ? 12 RKL A C18   1 
HETATM 290 C  C19   . RKL C 2 .  ? -4.538  8.404   -4.366  1.00 11.47 ? 12 RKL A C19   1 
HETATM 291 C  C20   . RKL C 2 .  ? -5.892  9.752   -3.138  1.00 12.87 ? 12 RKL A C20   1 
HETATM 292 C  C21   . RKL C 2 .  ? -6.971  8.833   -3.332  1.00 14.09 ? 12 RKL A C21   1 
HETATM 293 C  C22   . RKL C 2 .  ? -5.610  7.468   -4.578  1.00 12.25 ? 12 RKL A C22   1 
HETATM 294 C  C23   . RKL C 2 .  ? -5.387  6.233   -5.354  1.00 12.09 ? 12 RKL A C23   1 
HETATM 295 C  C24   . RKL C 2 .  ? -4.095  6.005   -5.905  1.00 14.03 ? 12 RKL A C24   1 
HETATM 296 C  C25   . RKL C 2 .  ? -3.026  6.924   -5.709  1.00 12.93 ? 12 RKL A C25   1 
HETATM 297 C  C26   . RKL C 2 .  ? -3.208  8.094   -4.964  1.00 12.13 ? 12 RKL A C26   1 
HETATM 298 C  C27   . RKL C 2 .  ? -0.906  7.548   -6.025  1.00 14.93 ? 12 RKL A C27   1 
HETATM 299 C  C28   . RKL C 2 .  ? -1.078  8.767   -5.279  1.00 13.97 ? 12 RKL A C28   1 
HETATM 300 C  C29   . RKL C 2 .  ? -0.331  11.104  -2.595  1.00 13.88 ? 12 RKL A C29   1 
HETATM 301 C  C30   . RKL C 2 .  ? -0.645  12.451  -4.429  1.00 14.42 ? 12 RKL A C30   1 
HETATM 302 C  C31   . RKL C 2 .  ? 0.640   12.943  -4.190  1.00 15.75 ? 12 RKL A C31   1 
HETATM 303 C  C32   . RKL C 2 .  ? 1.020   11.616  -2.347  1.00 14.25 ? 12 RKL A C32   1 
HETATM 304 C  C33   . RKL C 2 .  ? 1.829   11.145  -1.267  1.00 16.94 ? 12 RKL A C33   1 
HETATM 305 C  C34   . RKL C 2 .  ? 1.238   10.226  -0.460  1.00 14.54 ? 12 RKL A C34   1 
HETATM 306 C  C35   . RKL C 2 .  ? -0.099  9.732   -0.639  1.00 12.99 ? 12 RKL A C35   1 
HETATM 307 C  C36   . RKL C 2 .  ? -0.909  10.159  -1.733  1.00 15.05 ? 12 RKL A C36   1 
HETATM 308 C  C37   . RKL C 2 .  ? -1.945  8.378   -0.091  1.00 18.16 ? 12 RKL A C37   1 
HETATM 309 C  C38   . RKL C 2 .  ? -2.745  8.843   -1.148  1.00 16.27 ? 12 RKL A C38   1 
HETATM 310 BA BA    . BA  D 3 .  ? -3.191  -0.049  -6.797  1.00 15.30 ? 13 BA  A BA    1 
HETATM 311 O  O     . HOH E 4 .  ? -0.837  5.314   -0.077  1.00 24.40 ? 14 HOH A O     1 
HETATM 312 O  O     . HOH E 4 .  ? -0.086  4.822   2.719   1.00 25.48 ? 15 HOH A O     1 
HETATM 313 O  O     . HOH E 4 .  ? -2.158  -3.811  9.783   1.00 21.68 ? 16 HOH A O     1 
HETATM 314 O  O     . HOH E 4 .  ? 6.416   -5.468  5.553   1.00 22.90 ? 17 HOH A O     1 
HETATM 315 O  O     . HOH E 4 .  ? 8.097   -7.482  6.498   1.00 21.66 ? 18 HOH A O     1 
HETATM 316 O  O     . HOH E 4 .  ? 0.032   -10.205 10.573  1.00 17.75 ? 19 HOH A O     1 
HETATM 317 O  O     . HOH E 4 .  ? -5.907  0.373   -7.026  1.00 15.30 ? 20 HOH A O     1 
HETATM 318 O  O     . HOH E 4 .  ? 9.258   -20.919 13.249  1.00 15.33 ? 21 HOH A O     1 
HETATM 319 O  O     . HOH E 4 .  ? 12.594  -18.032 15.465  1.00 24.38 ? 22 HOH A O     1 
HETATM 320 O  O     . HOH E 4 .  ? -4.114  -1.672  -19.682 1.00 26.48 ? 23 HOH A O     1 
HETATM 321 O  O     . HOH E 4 .  ? -0.337  11.380  -7.619  1.00 25.40 ? 24 HOH A O     1 
HETATM 322 O  O     . HOH E 4 .  ? -5.856  -2.521  -10.349 1.00 28.44 ? 25 HOH A O     1 
HETATM 323 O  O     . HOH E 4 .  ? -7.664  -1.842  -7.911  1.00 31.56 ? 26 HOH A O     1 
HETATM 324 O  O     . HOH E 4 .  ? -10.035 -0.586  -8.315  1.00 34.25 ? 27 HOH A O     1 
HETATM 325 O  O     . HOH E 4 .  ? -4.760  -2.167  -5.770  1.00 18.69 ? 28 HOH A O     1 
HETATM 326 O  O     . HOH E 4 .  ? 4.712   -5.343  2.645   1.00 25.61 ? 29 HOH A O     1 
HETATM 327 O  O     . HOH E 4 .  ? -3.908  -4.762  -6.721  1.00 30.02 ? 30 HOH A O     1 
HETATM 328 O  O     . HOH E 4 .  ? 0.555   -3.686  -7.328  1.00 36.16 ? 31 HOH A O     1 
HETATM 329 O  O     . HOH E 4 .  ? 4.062   0.271   -3.837  1.00 29.51 ? 32 HOH A O     1 
HETATM 330 O  O     . HOH E 4 .  ? 6.693   3.285   -6.540  1.00 39.67 ? 33 HOH A O     1 
HETATM 331 O  O     . HOH E 4 .  ? 7.269   -9.325  18.403  1.00 36.52 ? 34 HOH A O     1 
HETATM 332 O  O     . HOH E 4 .  ? -1.848  -2.610  -6.807  1.00 21.97 ? 35 HOH A O     1 
HETATM 333 O  O     . HOH E 4 .  ? -2.781  8.404   -8.830  0.50 13.92 ? 36 HOH A O     1 
HETATM 334 O  O     . HOH E 4 .  ? 1.824   10.147  -6.039  1.00 19.97 ? 37 HOH A O     1 
HETATM 335 O  O     . HOH E 4 .  ? 3.913   8.440   -1.886  1.00 33.10 ? 38 HOH A O     1 
HETATM 336 O  O     . HOH E 4 .  ? 1.276   4.061   -14.835 1.00 37.85 ? 39 HOH A O     1 
HETATM 337 O  O     . HOH E 4 .  ? 7.020   6.476   -0.151  1.00 39.39 ? 40 HOH A O     1 
HETATM 338 O  O     . HOH E 4 .  ? 0.516   8.421   2.809   1.00 31.45 ? 41 HOH A O     1 
HETATM 339 O  O     . HOH E 4 .  ? 5.863   -3.120  7.580   1.00 28.99 ? 42 HOH A O     1 
HETATM 340 O  O     . HOH E 4 .  ? 8.786   -5.008  13.558  1.00 39.12 ? 43 HOH A O     1 
HETATM 341 O  O     . HOH E 4 .  ? 9.442   -3.806  15.836  1.00 36.70 ? 44 HOH A O     1 
HETATM 342 O  O     . HOH E 4 .  ? -0.833  0.037   -8.414  1.00 17.09 ? 45 HOH A O     1 
HETATM 343 O  O     . HOH E 4 .  ? 8.482   -7.434  9.377   1.00 30.21 ? 46 HOH A O     1 
HETATM 344 O  O     . HOH E 4 .  ? 11.047  -7.035  10.114  1.00 33.24 ? 47 HOH A O     1 
HETATM 345 O  O     . HOH E 4 .  ? 10.192  -8.608  12.601  1.00 38.55 ? 48 HOH A O     1 
HETATM 346 O  O     . HOH E 4 .  ? -3.818  -0.939  -9.451  1.00 17.44 ? 49 HOH A O     1 
HETATM 347 O  O     . HOH E 4 .  ? 1.791   0.437   -7.803  1.00 23.30 ? 50 HOH A O     1 
HETATM 348 O  O     . HOH E 4 .  ? 4.312   12.876  -3.521  1.00 22.14 ? 51 HOH A O     1 
HETATM 349 O  O     . HOH E 4 .  ? 9.298   -15.815 17.502  1.00 39.70 ? 52 HOH A O     1 
HETATM 350 O  O     . HOH E 4 .  ? 3.257   12.563  -6.607  1.00 32.06 ? 53 HOH A O     1 
HETATM 351 O  O     . HOH E 4 .  ? 7.994   -18.445 16.706  1.00 28.41 ? 54 HOH A O     1 
HETATM 352 O  O     . HOH E 4 .  ? -0.028  8.478   -9.852  1.00 24.06 ? 55 HOH A O     1 
HETATM 353 O  O     . HOH E 4 .  ? 6.044   -0.514  4.142   1.00 35.94 ? 56 HOH A O     1 
HETATM 354 O  O     . HOH E 4 .  ? 2.059   8.320   -8.184  1.00 22.91 ? 57 HOH A O     1 
HETATM 355 O  O     . HOH E 4 .  ? -4.541  5.957   5.816   1.00 33.81 ? 58 HOH A O     1 
HETATM 356 O  O     . HOH E 4 .  ? 10.587  -11.993 17.663  1.00 34.28 ? 59 HOH A O     1 
HETATM 357 O  O     . HOH E 4 .  ? 8.302   -11.998 18.871  1.00 46.34 ? 60 HOH A O     1 
HETATM 358 O  O     . HOH E 4 .  ? 1.764   8.475   -3.603  1.00 20.67 ? 61 HOH A O     1 
HETATM 359 O  O     . HOH E 4 .  ? 11.550  -9.662  16.305  1.00 61.10 ? 62 HOH A O     1 
HETATM 360 O  O     . HOH E 4 .  ? 5.880   -17.050 15.400  1.00 38.31 ? 66 HOH A O     1 
HETATM 361 O  O     . HOH E 4 .  ? 4.125   5.975   2.343   1.00 44.13 ? 67 HOH A O     1 
HETATM 362 O  O     . HOH E 4 .  ? -0.228  6.911   -2.436  1.00 17.96 ? 72 HOH A O     1 
HETATM 363 O  O     . HOH E 4 .  ? -10.082 -1.192  -11.797 1.00 45.95 ? 73 HOH A O     1 
HETATM 364 O  O     . HOH E 4 .  ? 3.503   -4.423  0.163   1.00 34.62 ? 74 HOH A O     1 
HETATM 365 O  O     . HOH E 4 .  ? -4.595  10.049  -10.752 1.00 12.86 ? 75 HOH A O     1 
HETATM 366 O  O     . HOH E 4 .  ? 6.448   -3.349  3.422   1.00 38.39 ? 76 HOH A O     1 
HETATM 367 O  O     . HOH E 4 .  ? 4.306   -0.248  14.094  1.00 42.32 ? 78 HOH A O     1 
HETATM 368 O  O     . HOH E 4 .  ? 4.985   0.468   16.616  1.00 38.82 ? 79 HOH A O     1 
HETATM 369 O  O     . HOH E 4 .  ? 1.572   0.251   13.896  1.00 37.01 ? 80 HOH A O     1 
HETATM 370 O  O     . HOH E 4 .  ? -2.307  0.424   15.971  1.00 50.65 ? 81 HOH A O     1 
HETATM 371 O  O     . HOH E 4 .  ? 1.224   4.946   9.075   1.00 45.10 ? 82 HOH A O     1 
HETATM 372 O  O     . HOH E 4 .  ? 6.691   3.389   5.162   1.00 42.97 ? 83 HOH A O     1 
HETATM 373 O  O     . HOH E 4 .  ? 2.228   -1.982  -0.899  1.00 45.10 ? 84 HOH A O     1 
HETATM 374 O  O     . HOH E 4 .  ? 2.648   -4.163  -4.219  1.00 43.96 ? 85 HOH A O     1 
HETATM 375 O  O     . HOH E 4 .  ? -0.918  -3.403  -10.213 1.00 41.83 ? 86 HOH A O     1 
HETATM 376 O  O     . HOH E 4 .  ? -2.966  -2.394  -17.092 1.00 47.10 ? 87 HOH A O     1 
# 
loop_
_atom_site_anisotrop.id 
_atom_site_anisotrop.type_symbol 
_atom_site_anisotrop.pdbx_label_atom_id 
_atom_site_anisotrop.pdbx_label_alt_id 
_atom_site_anisotrop.pdbx_label_comp_id 
_atom_site_anisotrop.pdbx_label_asym_id 
_atom_site_anisotrop.pdbx_label_seq_id 
_atom_site_anisotrop.pdbx_PDB_ins_code 
_atom_site_anisotrop.U[1][1] 
_atom_site_anisotrop.U[2][2] 
_atom_site_anisotrop.U[3][3] 
_atom_site_anisotrop.U[1][2] 
_atom_site_anisotrop.U[1][3] 
_atom_site_anisotrop.U[2][3] 
_atom_site_anisotrop.pdbx_auth_seq_id 
_atom_site_anisotrop.pdbx_auth_comp_id 
_atom_site_anisotrop.pdbx_auth_asym_id 
_atom_site_anisotrop.pdbx_auth_atom_id 
1   O  "O5'" . DT  A 1  ? 0.5857 0.1125 0.4869 -0.0721 0.3217  -0.0483 1  DT  A "O5'" 
2   C  "C5'" . DT  A 1  ? 0.2968 0.2682 0.7670 -0.1002 0.0157  -0.3289 1  DT  A "C5'" 
3   C  "C4'" . DT  A 1  ? 0.3507 0.1276 0.4046 -0.1096 -0.0945 -0.0084 1  DT  A "C4'" 
4   O  "O4'" . DT  A 1  ? 0.3573 0.3167 0.3984 0.0054  -0.0990 0.0376  1  DT  A "O4'" 
5   C  "C3'" . DT  A 1  ? 0.2264 0.2785 0.3408 0.0145  -0.1182 0.0317  1  DT  A "C3'" 
6   O  "O3'" . DT  A 1  ? 0.3059 0.4329 0.3624 -0.1455 0.0473  -0.1100 1  DT  A "O3'" 
7   C  "C2'" . DT  A 1  ? 0.2543 0.2413 0.3396 0.0310  -0.0956 0.0241  1  DT  A "C2'" 
8   C  "C1'" . DT  A 1  ? 0.1928 0.1894 0.4050 0.0086  -0.1087 0.0130  1  DT  A "C1'" 
9   N  N1    . DT  A 1  ? 0.2804 0.1686 0.4380 0.0183  0.0469  -0.0427 1  DT  A N1    
10  C  C2    . DT  A 1  ? 0.1327 0.1790 0.2794 0.0087  -0.0186 -0.0495 1  DT  A C2    
11  O  O2    . DT  A 1  ? 0.1608 0.1361 0.2628 -0.0037 0.0099  0.0191  1  DT  A O2    
12  N  N3    . DT  A 1  ? 0.1107 0.1667 0.2886 -0.0802 0.0596  0.0099  1  DT  A N3    
13  C  C4    . DT  A 1  ? 0.1752 0.2434 0.4680 -0.1436 0.0037  -0.0201 1  DT  A C4    
14  O  O4    . DT  A 1  ? 0.1907 0.3149 0.4159 -0.0704 -0.0426 0.1155  1  DT  A O4    
15  C  C5    . DT  A 1  ? 0.1656 0.2308 0.5395 -0.1108 -0.0369 0.0356  1  DT  A C5    
16  C  C7    . DT  A 1  ? 0.1910 0.2131 0.7436 -0.0752 -0.1156 -0.0837 1  DT  A C7    
17  C  C6    . DT  A 1  ? 0.2604 0.1951 0.5393 0.0193  -0.0071 -0.0501 1  DT  A C6    
18  P  P     A DC  A 2  ? 0.3279 0.2016 0.2101 -0.0601 -0.0116 -0.0114 2  DC  A P     
19  P  P     B DC  A 2  ? 0.6212 0.6446 0.7962 -0.0556 -0.1349 -0.1793 2  DC  A P     
20  O  OP1   A DC  A 2  ? 0.2832 0.2977 0.2015 0.1513  0.0398  -0.0394 2  DC  A OP1   
21  O  OP1   B DC  A 2  ? 0.1998 0.6084 0.8020 0.0114  -0.0985 -0.2231 2  DC  A OP1   
22  O  OP2   A DC  A 2  ? 0.2648 0.2485 0.1796 0.0373  0.0061  -0.0452 2  DC  A OP2   
23  O  OP2   B DC  A 2  ? 0.7113 0.4076 0.8318 -0.5055 0.2677  -0.1592 2  DC  A OP2   
24  O  "O5'" A DC  A 2  ? 0.2269 0.2216 0.1590 0.0568  -0.0432 -0.0274 2  DC  A "O5'" 
25  O  "O5'" B DC  A 2  ? 0.4089 0.4428 0.3186 0.0951  -0.0831 0.0045  2  DC  A "O5'" 
26  C  "C5'" A DC  A 2  ? 0.2188 0.2256 0.1220 -0.0232 0.0476  0.0131  2  DC  A "C5'" 
27  C  "C5'" B DC  A 2  ? 0.2974 0.2903 0.4980 -0.0339 -0.1001 -0.0774 2  DC  A "C5'" 
28  C  "C4'" . DC  A 2  ? 0.2447 0.2386 0.1701 0.0301  -0.0177 -0.0307 2  DC  A "C4'" 
29  O  "O4'" . DC  A 2  ? 0.2435 0.2561 0.2015 0.0472  0.0126  -0.0303 2  DC  A "O4'" 
30  C  "C3'" . DC  A 2  ? 0.1771 0.2368 0.1647 0.0067  -0.0096 -0.0188 2  DC  A "C3'" 
31  O  "O3'" . DC  A 2  ? 0.1552 0.2089 0.2020 0.0347  -0.0135 0.0084  2  DC  A "O3'" 
32  C  "C2'" . DC  A 2  ? 0.2019 0.2002 0.1842 -0.0131 -0.0305 -0.0281 2  DC  A "C2'" 
33  C  "C1'" . DC  A 2  ? 0.1693 0.2015 0.1533 -0.0221 0.0111  0.0145  2  DC  A "C1'" 
34  N  N1    . DC  A 2  ? 0.1806 0.1780 0.1401 -0.0016 0.0215  -0.0156 2  DC  A N1    
35  C  C2    . DC  A 2  ? 0.1378 0.1686 0.1801 0.0102  0.0233  -0.0006 2  DC  A C2    
36  O  O2    . DC  A 2  ? 0.1999 0.2252 0.1872 -0.0195 0.0150  -0.0011 2  DC  A O2    
37  N  N3    . DC  A 2  ? 0.1351 0.2180 0.1805 -0.0104 0.0078  0.0309  2  DC  A N3    
38  C  C4    . DC  A 2  ? 0.1534 0.2055 0.1985 -0.0014 0.0266  0.0238  2  DC  A C4    
39  N  N4    . DC  A 2  ? 0.1385 0.2407 0.2243 -0.0053 0.0139  -0.0256 2  DC  A N4    
40  C  C5    . DC  A 2  ? 0.1015 0.2055 0.2377 -0.0251 -0.0194 0.0019  2  DC  A C5    
41  C  C6    . DC  A 2  ? 0.1504 0.1615 0.1917 -0.0084 0.0059  0.0137  2  DC  A C6    
42  P  P     . DG  A 3  ? 0.2026 0.2374 0.2074 0.0487  0.0113  0.0043  3  DG  A P     
43  O  OP1   . DG  A 3  ? 0.2153 0.3322 0.2468 0.0469  0.0679  0.0061  3  DG  A OP1   
44  O  OP2   . DG  A 3  ? 0.1745 0.2156 0.2077 0.0419  0.0244  0.0044  3  DG  A OP2   
45  O  "O5'" . DG  A 3  ? 0.1623 0.1940 0.2125 0.0319  0.0172  0.0052  3  DG  A "O5'" 
46  C  "C5'" . DG  A 3  ? 0.2390 0.2722 0.1719 0.0520  0.0253  0.0707  3  DG  A "C5'" 
47  C  "C4'" . DG  A 3  ? 0.1522 0.2692 0.2126 0.0487  0.0282  0.0382  3  DG  A "C4'" 
48  O  "O4'" . DG  A 3  ? 0.1438 0.2255 0.1928 0.0321  0.0104  0.0347  3  DG  A "O4'" 
49  C  "C3'" . DG  A 3  ? 0.1630 0.2699 0.2348 0.0004  0.0269  -0.0359 3  DG  A "C3'" 
50  O  "O3'" . DG  A 3  ? 0.1708 0.3311 0.2318 0.0130  0.0308  -0.0232 3  DG  A "O3'" 
51  C  "C2'" . DG  A 3  ? 0.1259 0.2209 0.2170 0.0029  0.0163  -0.0041 3  DG  A "C2'" 
52  C  "C1'" . DG  A 3  ? 0.1331 0.2728 0.1767 0.0154  0.0275  0.0023  3  DG  A "C1'" 
53  N  N9    . DG  A 3  ? 0.1488 0.1773 0.1993 0.0160  0.0277  0.0197  3  DG  A N9    
54  C  C8    . DG  A 3  ? 0.1997 0.1949 0.1710 -0.0085 0.0111  0.0204  3  DG  A C8    
55  N  N7    . DG  A 3  ? 0.1976 0.2032 0.1578 -0.0073 -0.0027 0.0201  3  DG  A N7    
56  C  C5    . DG  A 3  ? 0.1204 0.1787 0.1935 -0.0234 -0.0126 0.0292  3  DG  A C5    
57  C  C6    . DG  A 3  ? 0.1474 0.2180 0.1964 -0.0074 0.0023  0.0059  3  DG  A C6    
58  O  O6    . DG  A 3  ? 0.1931 0.2068 0.1501 -0.0208 -0.0057 -0.0100 3  DG  A O6    
59  N  N1    . DG  A 3  ? 0.1457 0.1761 0.1825 -0.0324 -0.0062 -0.0076 3  DG  A N1    
60  C  C2    . DG  A 3  ? 0.1341 0.1919 0.1630 -0.0157 -0.0060 0.0199  3  DG  A C2    
61  N  N2    . DG  A 3  ? 0.1712 0.2257 0.1749 0.0263  -0.0432 -0.0218 3  DG  A N2    
62  N  N3    . DG  A 3  ? 0.1484 0.2043 0.1776 0.0046  -0.0035 0.0025  3  DG  A N3    
63  C  C4    . DG  A 3  ? 0.1030 0.2191 0.1682 -0.0330 0.0124  0.0202  3  DG  A C4    
64  P  P     . DG  A 4  ? 0.1908 0.3004 0.2912 0.0172  0.0245  -0.0221 4  DG  A P     
65  O  OP1   . DG  A 4  ? 0.2123 0.4503 0.3436 0.0106  0.0303  -0.0089 4  DG  A OP1   
66  O  OP2   . DG  A 4  ? 0.2507 0.2421 0.3341 -0.0027 -0.0244 0.0120  4  DG  A OP2   
67  O  "O5'" . DG  A 4  ? 0.1762 0.2594 0.2677 0.0328  -0.0023 0.0054  4  DG  A "O5'" 
68  C  "C5'" . DG  A 4  ? 0.2105 0.2025 0.2870 -0.0288 0.0260  -0.0130 4  DG  A "C5'" 
69  C  "C4'" . DG  A 4  ? 0.1578 0.2158 0.2616 -0.0049 0.0201  0.0892  4  DG  A "C4'" 
70  O  "O4'" . DG  A 4  ? 0.1669 0.2319 0.2190 -0.0272 0.0332  0.0390  4  DG  A "O4'" 
71  C  "C3'" . DG  A 4  ? 0.1753 0.1877 0.1949 -0.0223 -0.0297 0.0209  4  DG  A "C3'" 
72  O  "O3'" . DG  A 4  ? 0.1942 0.2491 0.2001 0.0049  -0.0144 0.0009  4  DG  A "O3'" 
73  C  "C2'" . DG  A 4  ? 0.1550 0.2181 0.2102 -0.0099 -0.0243 0.0305  4  DG  A "C2'" 
74  C  "C1'" . DG  A 4  ? 0.1628 0.1607 0.2553 -0.0125 0.0068  0.0621  4  DG  A "C1'" 
75  N  N9    . DG  A 4  ? 0.1935 0.1617 0.1661 -0.0045 0.0179  0.0089  4  DG  A N9    
76  C  C8    . DG  A 4  ? 0.1675 0.1683 0.1972 -0.0225 -0.0351 0.0050  4  DG  A C8    
77  N  N7    . DG  A 4  ? 0.1714 0.1781 0.1838 -0.0094 0.0002  0.0110  4  DG  A N7    
78  C  C5    . DG  A 4  ? 0.1552 0.1851 0.1670 0.0035  -0.0151 -0.0060 4  DG  A C5    
79  C  C6    . DG  A 4  ? 0.1557 0.1627 0.1465 0.0045  -0.0050 0.0385  4  DG  A C6    
80  O  O6    . DG  A 4  ? 0.1461 0.1882 0.2297 -0.0219 0.0070  0.0331  4  DG  A O6    
81  N  N1    . DG  A 4  ? 0.2123 0.1696 0.1647 -0.0071 -0.0215 0.0213  4  DG  A N1    
82  C  C2    . DG  A 4  ? 0.1665 0.1708 0.1524 0.0172  0.0015  0.0216  4  DG  A C2    
83  N  N2    . DG  A 4  ? 0.2391 0.2164 0.1351 0.0340  0.0300  0.0509  4  DG  A N2    
84  N  N3    . DG  A 4  ? 0.1737 0.2263 0.1803 0.0058  0.0257  0.0464  4  DG  A N3    
85  C  C4    . DG  A 4  ? 0.1650 0.1907 0.1860 -0.0391 -0.0001 0.0394  4  DG  A C4    
86  P  P     . DT  A 5  ? 0.2122 0.2654 0.2755 -0.0233 -0.0192 0.0548  5  DT  A P     
87  O  OP1   . DT  A 5  ? 0.1980 0.2879 0.3371 -0.0289 0.0147  0.0252  5  DT  A OP1   
88  O  OP2   . DT  A 5  ? 0.1746 0.3184 0.2981 0.0110  0.0244  0.0306  5  DT  A OP2   
89  O  "O5'" . DT  A 5  ? 0.2296 0.2226 0.2830 -0.0176 -0.0046 0.0787  5  DT  A "O5'" 
90  C  "C5'" . DT  A 5  ? 0.1692 0.3210 0.2937 -0.0311 -0.0061 0.0502  5  DT  A "C5'" 
91  C  "C4'" . DT  A 5  ? 0.2970 0.2745 0.2804 -0.0570 -0.0912 0.1001  5  DT  A "C4'" 
92  O  "O4'" . DT  A 5  ? 0.2202 0.2906 0.2286 -0.0126 -0.0068 0.0040  5  DT  A "O4'" 
93  C  "C3'" . DT  A 5  ? 0.1386 0.3304 0.2010 -0.0464 0.0041  0.0879  5  DT  A "C3'" 
94  O  "O3'" . DT  A 5  ? 0.2655 0.3536 0.2031 -0.0609 0.0093  0.0672  5  DT  A "O3'" 
95  C  "C2'" . DT  A 5  ? 0.2041 0.3374 0.2296 -0.0330 -0.1227 0.0482  5  DT  A "C2'" 
96  C  "C1'" . DT  A 5  ? 0.1847 0.2403 0.2547 -0.0265 -0.0270 -0.0112 5  DT  A "C1'" 
97  N  N1    . DT  A 5  ? 0.2305 0.1763 0.2391 -0.0445 0.0024  0.0060  5  DT  A N1    
98  C  C2    . DT  A 5  ? 0.2269 0.2415 0.1233 -0.0392 0.0037  0.0577  5  DT  A C2    
99  O  O2    . DT  A 5  ? 0.2456 0.2110 0.1678 -0.0303 -0.0318 0.0082  5  DT  A O2    
100 N  N3    . DT  A 5  ? 0.2184 0.1829 0.1836 -0.0228 -0.0277 0.0700  5  DT  A N3    
101 C  C4    . DT  A 5  ? 0.2017 0.2278 0.1812 0.0319  -0.0405 0.0405  5  DT  A C4    
102 O  O4    . DT  A 5  ? 0.1907 0.1981 0.2243 -0.0079 0.0139  0.0185  5  DT  A O4    
103 C  C5    . DT  A 5  ? 0.2163 0.2075 0.1826 0.0532  -0.0141 0.0524  5  DT  A C5    
104 C  C7    . DT  A 5  ? 0.1970 0.2145 0.2508 0.0767  0.0294  0.0268  5  DT  A C7    
105 C  C6    . DT  A 5  ? 0.2131 0.1650 0.2353 0.0134  -0.0042 0.0528  5  DT  A C6    
106 P  P     . DA  A 6  ? 0.2982 0.3181 0.2816 -0.0573 -0.0560 0.0577  6  DA  A P     
107 O  OP1   . DA  A 6  ? 0.4143 0.3257 0.2881 -0.0780 -0.0504 -0.0078 6  DA  A OP1   
108 O  OP2   . DA  A 6  ? 0.3095 0.3857 0.2849 -0.0252 -0.0404 0.0380  6  DA  A OP2   
109 O  "O5'" . DA  A 6  ? 0.3256 0.2148 0.2619 -0.0330 -0.0685 0.0311  6  DA  A "O5'" 
110 C  "C5'" . DA  A 6  ? 0.3323 0.2322 0.2706 -0.0780 -0.0131 0.0267  6  DA  A "C5'" 
111 C  "C4'" . DA  A 6  ? 0.2533 0.2128 0.2345 -0.0643 -0.0499 0.0130  6  DA  A "C4'" 
112 O  "O4'" . DA  A 6  ? 0.2755 0.1704 0.2426 -0.0051 -0.0439 -0.0131 6  DA  A "O4'" 
113 C  "C3'" . DA  A 6  ? 0.4183 0.1930 0.2216 0.0047  -0.1229 -0.0377 6  DA  A "C3'" 
114 O  "O3'" . DA  A 6  ? 0.5732 0.1926 0.1796 -0.0787 -0.0794 0.0248  6  DA  A "O3'" 
115 C  "C2'" . DA  A 6  ? 0.3808 0.1769 0.2242 0.0835  -0.1418 -0.0728 6  DA  A "C2'" 
116 C  "C1'" . DA  A 6  ? 0.3116 0.1613 0.1816 -0.0037 -0.0576 0.0336  6  DA  A "C1'" 
117 N  N9    . DA  A 6  ? 0.1956 0.2073 0.2418 -0.0408 -0.0342 -0.0023 6  DA  A N9    
118 C  C8    . DA  A 6  ? 0.2687 0.1812 0.1676 -0.0298 -0.0173 0.0371  6  DA  A C8    
119 N  N7    . DA  A 6  ? 0.2427 0.2010 0.2065 -0.0318 -0.0361 -0.0042 6  DA  A N7    
120 C  C5    . DA  A 6  ? 0.2524 0.1496 0.2021 -0.0292 -0.0631 -0.0090 6  DA  A C5    
121 C  C6    . DA  A 6  ? 0.1709 0.1404 0.1466 -0.0508 0.0048  0.0228  6  DA  A C6    
122 N  N6    . DA  A 6  ? 0.2368 0.1825 0.1515 -0.0047 -0.0006 0.0065  6  DA  A N6    
123 N  N1    . DA  A 6  ? 0.1489 0.1648 0.2160 -0.0141 0.0125  0.0112  6  DA  A N1    
124 C  C2    . DA  A 6  ? 0.2551 0.1292 0.2440 0.0326  -0.0359 -0.0091 6  DA  A C2    
125 N  N3    . DA  A 6  ? 0.2458 0.1676 0.1702 -0.0132 -0.0059 0.0278  6  DA  A N3    
126 C  C4    . DA  A 6  ? 0.2356 0.1416 0.1976 -0.0607 -0.0242 0.0041  6  DA  A C4    
127 P  P     . DC  A 7  ? 0.5238 0.2355 0.2755 -0.0904 -0.0891 0.0323  7  DC  A P     
128 O  OP1   . DC  A 7  ? 0.8752 0.2612 0.2972 -0.2001 -0.1794 0.0005  7  DC  A OP1   
129 O  OP2   . DC  A 7  ? 0.3504 0.4494 0.2729 -0.1526 -0.1483 0.1061  7  DC  A OP2   
130 O  "O5'" . DC  A 7  ? 0.3401 0.2009 0.2399 -0.0616 -0.0563 0.0398  7  DC  A "O5'" 
131 C  "C5'" . DC  A 7  ? 0.2992 0.2430 0.2381 -0.0039 -0.0571 0.0056  7  DC  A "C5'" 
132 C  "C4'" . DC  A 7  ? 0.3095 0.2043 0.2398 0.0211  -0.0625 -0.0238 7  DC  A "C4'" 
133 O  "O4'" . DC  A 7  ? 0.2772 0.1784 0.2298 0.0407  -0.0540 0.0160  7  DC  A "O4'" 
134 C  "C3'" . DC  A 7  ? 0.2096 0.2157 0.2440 -0.0144 -0.0310 -0.1096 7  DC  A "C3'" 
135 O  "O3'" . DC  A 7  ? 0.3178 0.1787 0.2851 0.0119  -0.0606 -0.0338 7  DC  A "O3'" 
136 C  "C2'" . DC  A 7  ? 0.2278 0.1556 0.2309 -0.0118 -0.0508 -0.0202 7  DC  A "C2'" 
137 C  "C1'" . DC  A 7  ? 0.2470 0.1962 0.2147 0.0196  -0.0604 -0.0271 7  DC  A "C1'" 
138 N  N1    . DC  A 7  ? 0.2032 0.1854 0.2018 0.0552  -0.0219 -0.0171 7  DC  A N1    
139 C  C2    . DC  A 7  ? 0.2017 0.1696 0.1732 0.0403  -0.0278 0.0145  7  DC  A C2    
140 O  O2    . DC  A 7  ? 0.2117 0.1799 0.2107 0.0165  -0.0476 -0.0069 7  DC  A O2    
141 N  N3    . DC  A 7  ? 0.1870 0.1579 0.1949 0.0246  -0.0194 -0.0011 7  DC  A N3    
142 C  C4    . DC  A 7  ? 0.1693 0.1727 0.1693 0.0026  -0.0445 -0.0080 7  DC  A C4    
143 N  N4    . DC  A 7  ? 0.2336 0.1947 0.1405 -0.0152 -0.0126 0.0264  7  DC  A N4    
144 C  C5    . DC  A 7  ? 0.1810 0.1984 0.1887 -0.0148 -0.0485 0.0099  7  DC  A C5    
145 C  C6    . DC  A 7  ? 0.1791 0.2382 0.2100 0.0581  -0.0137 -0.0227 7  DC  A C6    
146 P  P     . DC  A 8  ? 0.3328 0.2011 0.2945 -0.0356 -0.0890 0.0101  8  DC  A P     
147 O  OP1   . DC  A 8  ? 0.5568 0.2249 0.3577 -0.0623 -0.1489 -0.0249 8  DC  A OP1   
148 O  OP2   . DC  A 8  ? 0.2736 0.3685 0.3834 -0.1279 -0.0954 0.1717  8  DC  A OP2   
149 O  "O5'" . DC  A 8  ? 0.2745 0.1756 0.2354 -0.0363 -0.1157 -0.0065 8  DC  A "O5'" 
150 C  "C5'" . DC  A 8  ? 0.2609 0.1478 0.2194 0.0310  -0.0278 0.0046  8  DC  A "C5'" 
151 C  "C4'" . DC  A 8  ? 0.2145 0.1523 0.1693 0.0034  -0.0368 0.0162  8  DC  A "C4'" 
152 O  "O4'" . DC  A 8  ? 0.1742 0.1850 0.1720 -0.0345 -0.0174 0.0100  8  DC  A "O4'" 
153 C  "C3'" . DC  A 8  ? 0.2355 0.1909 0.1783 -0.0031 -0.0371 -0.0195 8  DC  A "C3'" 
154 O  "O3'" . DC  A 8  ? 0.2202 0.2215 0.1857 0.0421  -0.0377 -0.0082 8  DC  A "O3'" 
155 C  "C2'" . DC  A 8  ? 0.2444 0.1830 0.1700 -0.0158 -0.1008 0.0061  8  DC  A "C2'" 
156 C  "C1'" . DC  A 8  ? 0.2548 0.2095 0.1504 0.0251  -0.0707 0.0175  8  DC  A "C1'" 
157 N  N1    . DC  A 8  ? 0.1701 0.1452 0.1744 -0.0136 -0.0421 0.0071  8  DC  A N1    
158 C  C2    . DC  A 8  ? 0.1528 0.1873 0.1803 -0.0214 -0.0190 -0.0058 8  DC  A C2    
159 O  O2    . DC  A 8  ? 0.1697 0.1676 0.1479 0.0060  0.0050  0.0006  8  DC  A O2    
160 N  N3    . DC  A 8  ? 0.1448 0.1562 0.1741 -0.0152 -0.0095 -0.0151 8  DC  A N3    
161 C  C4    . DC  A 8  ? 0.1570 0.2359 0.1883 -0.0528 0.0347  -0.0193 8  DC  A C4    
162 N  N4    . DC  A 8  ? 0.1828 0.1650 0.1935 -0.0017 0.0497  -0.0040 8  DC  A N4    
163 C  C5    . DC  A 8  ? 0.1692 0.2210 0.1701 0.0080  -0.0342 0.0201  8  DC  A C5    
164 C  C6    . DC  A 8  ? 0.1725 0.1872 0.1869 -0.0515 -0.0359 -0.0139 8  DC  A C6    
165 P  P     . DG  A 9  ? 0.2215 0.2058 0.2217 0.0185  -0.0476 -0.0005 9  DG  A P     
166 O  OP1   . DG  A 9  ? 0.3224 0.2875 0.2533 0.0829  -0.1211 -0.0420 9  DG  A OP1   
167 O  OP2   . DG  A 9  ? 0.1958 0.2762 0.2622 0.0129  -0.0663 0.0109  9  DG  A OP2   
168 O  "O5'" . DG  A 9  ? 0.1926 0.2044 0.1957 0.0102  -0.0352 0.0311  9  DG  A "O5'" 
169 C  "C5'" . DG  A 9  ? 0.2563 0.1459 0.2613 0.0167  -0.0113 0.0349  9  DG  A "C5'" 
170 C  "C4'" . DG  A 9  ? 0.2031 0.2200 0.2197 0.0482  -0.0686 -0.0101 9  DG  A "C4'" 
171 O  "O4'" . DG  A 9  ? 0.1814 0.2196 0.1798 -0.0003 -0.0198 0.0227  9  DG  A "O4'" 
172 C  "C3'" . DG  A 9  ? 0.2660 0.1990 0.1568 0.0361  -0.0340 -0.0167 9  DG  A "C3'" 
173 O  "O3'" . DG  A 9  ? 0.3159 0.2029 0.2311 0.0865  -0.0078 0.0141  9  DG  A "O3'" 
174 C  "C2'" . DG  A 9  ? 0.1951 0.1700 0.1739 0.0144  -0.0405 -0.0184 9  DG  A "C2'" 
175 C  "C1'" . DG  A 9  ? 0.1620 0.2399 0.2001 0.0064  -0.0297 0.0223  9  DG  A "C1'" 
176 N  N9    . DG  A 9  ? 0.1968 0.1880 0.2021 -0.0315 -0.0239 -0.0204 9  DG  A N9    
177 C  C8    . DG  A 9  ? 0.1906 0.1916 0.2037 -0.0267 0.0103  0.0200  9  DG  A C8    
178 N  N7    . DG  A 9  ? 0.1893 0.1592 0.2539 0.0219  0.0150  0.0224  9  DG  A N7    
179 C  C5    . DG  A 9  ? 0.1642 0.2044 0.2124 0.0070  -0.0225 0.0623  9  DG  A C5    
180 C  C6    . DG  A 9  ? 0.1541 0.2022 0.1985 -0.0016 -0.0282 0.0094  9  DG  A C6    
181 O  O6    . DG  A 9  ? 0.1687 0.2036 0.1878 0.0017  -0.0070 0.0205  9  DG  A O6    
182 N  N1    . DG  A 9  ? 0.1524 0.2000 0.1556 -0.0133 0.0170  -0.0038 9  DG  A N1    
183 C  C2    . DG  A 9  ? 0.1576 0.1957 0.1938 -0.0322 -0.0137 0.0037  9  DG  A C2    
184 N  N2    . DG  A 9  ? 0.1268 0.1272 0.2031 -0.0098 0.0025  0.0083  9  DG  A N2    
185 N  N3    . DG  A 9  ? 0.1543 0.2221 0.1968 -0.0386 -0.0214 0.0001  9  DG  A N3    
186 C  C4    . DG  A 9  ? 0.1309 0.1372 0.2152 0.0512  -0.0068 -0.0008 9  DG  A C4    
187 P  P     . DA  A 10 ? 0.2589 0.2307 0.2442 0.0285  -0.0633 -0.0002 10 DA  A P     
188 O  OP1   . DA  A 10 ? 0.3132 0.2714 0.2460 0.1038  -0.0863 -0.0116 10 DA  A OP1   
189 O  OP2   . DA  A 10 ? 0.2433 0.2312 0.3260 -0.0124 -0.0490 -0.0534 10 DA  A OP2   
190 O  "O5'" . DA  A 10 ? 0.2500 0.1889 0.2549 0.0042  -0.0402 0.0132  10 DA  A "O5'" 
191 C  "C5'" . DA  A 10 ? 0.1428 0.2378 0.2752 0.0269  0.0198  0.0225  10 DA  A "C5'" 
192 C  "C4'" . DA  A 10 ? 0.2174 0.2302 0.2240 0.0078  -0.0181 0.0071  10 DA  A "C4'" 
193 O  "O4'" . DA  A 10 ? 0.1798 0.2799 0.2898 0.0165  -0.0359 0.0523  10 DA  A "O4'" 
194 C  "C3'" . DA  A 10 ? 0.2063 0.2331 0.1967 -0.0119 0.0006  -0.0135 10 DA  A "C3'" 
195 O  "O3'" . DA  A 10 ? 0.2083 0.1745 0.2836 0.0100  0.0071  -0.0025 10 DA  A "O3'" 
196 C  "C2'" . DA  A 10 ? 0.2488 0.1617 0.2211 0.0447  0.0168  -0.0395 10 DA  A "C2'" 
197 C  "C1'" . DA  A 10 ? 0.1786 0.2325 0.3127 -0.0099 -0.0453 0.0099  10 DA  A "C1'" 
198 N  N9    . DA  A 10 ? 0.2604 0.2053 0.2939 -0.0142 -0.0132 0.0000  10 DA  A N9    
199 C  C8    . DA  A 10 ? 0.2069 0.2363 0.2780 -0.0196 -0.0191 0.0144  10 DA  A C8    
200 N  N7    . DA  A 10 ? 0.1731 0.2285 0.2639 -0.0086 -0.0198 0.0010  10 DA  A N7    
201 C  C5    . DA  A 10 ? 0.1559 0.1792 0.2638 -0.0165 0.0020  -0.0087 10 DA  A C5    
202 C  C6    . DA  A 10 ? 0.1710 0.2370 0.2760 -0.0026 0.0228  -0.0381 10 DA  A C6    
203 N  N6    . DA  A 10 ? 0.1745 0.2210 0.3221 -0.0302 0.0201  -0.0624 10 DA  A N6    
204 N  N1    . DA  A 10 ? 0.2126 0.2087 0.2629 -0.0364 0.0241  -0.0393 10 DA  A N1    
205 C  C2    . DA  A 10 ? 0.1819 0.2163 0.2513 -0.0027 0.0526  -0.0015 10 DA  A C2    
206 N  N3    . DA  A 10 ? 0.1631 0.2459 0.2377 0.0193  0.0123  -0.0174 10 DA  A N3    
207 C  C4    . DA  A 10 ? 0.1952 0.2072 0.3257 0.0089  -0.0327 0.0167  10 DA  A C4    
208 RU RU    . RKL B .  ? 0.1998 0.1973 0.2255 -0.0016 -0.0104 0.0276  11 RKL A RU    
209 C  C1    . RKL B .  ? 0.0895 0.1806 0.1651 0.0305  0.0258  0.0467  11 RKL A C1    
210 N  N1    . RKL B .  ? 0.1968 0.2010 0.1820 0.0142  0.0139  0.0577  11 RKL A N1    
211 C  C2    . RKL B .  ? 0.1190 0.1889 0.1203 0.0203  -0.0609 0.0306  11 RKL A C2    
212 N  N2    . RKL B .  ? 0.1530 0.1954 0.2243 -0.0313 -0.0141 0.0448  11 RKL A N2    
213 C  C3    . RKL B .  ? 0.1805 0.1641 0.1371 -0.0066 -0.0209 0.0319  11 RKL A C3    
214 N  N3    . RKL B .  ? 0.1345 0.1513 0.1610 -0.0243 -0.0006 -0.0053 11 RKL A N3    
215 C  C4    . RKL B .  ? 0.1110 0.2049 0.1253 -0.0102 0.0372  0.0052  11 RKL A C4    
216 N  N4    . RKL B .  ? 0.1543 0.1838 0.1780 0.0172  0.0140  0.0151  11 RKL A N4    
217 C  C5    . RKL B .  ? 0.1239 0.1445 0.1818 -0.0326 0.0523  0.0064  11 RKL A C5    
218 N  N5    . RKL B .  ? 0.1994 0.1927 0.2130 -0.0450 -0.0416 0.0199  11 RKL A N5    
219 C  C6    . RKL B .  ? 0.0995 0.1804 0.1541 0.0128  -0.0086 0.0262  11 RKL A C6    
220 N  N6    . RKL B .  ? 0.2608 0.1361 0.3021 -0.0147 -0.0204 0.0654  11 RKL A N6    
221 C  C7    . RKL B .  ? 0.1162 0.1782 0.2177 -0.0103 -0.0084 0.0150  11 RKL A C7    
222 N  N7    . RKL B .  ? 0.3728 0.2451 0.1670 0.0652  -0.0033 -0.0108 11 RKL A N7    
223 C  C8    . RKL B .  ? 0.1296 0.1691 0.1781 -0.0198 0.0236  0.0580  11 RKL A C8    
224 N  N8    . RKL B .  ? 0.2912 0.2057 0.2514 0.0007  0.0472  0.0585  11 RKL A N8    
225 C  C9    . RKL B .  ? 0.1429 0.2161 0.1969 -0.0276 0.0013  0.0231  11 RKL A C9    
226 N  N9    . RKL B .  ? 0.2063 0.1600 0.2053 -0.0139 -0.0382 0.0027  11 RKL A N9    
227 C  C10   . RKL B .  ? 0.1162 0.2161 0.2299 -0.0005 -0.0138 0.0259  11 RKL A C10   
228 N  N10   . RKL B .  ? 0.2698 0.1616 0.0985 0.0470  -0.0753 0.0075  11 RKL A N10   
229 C  C11   . RKL B .  ? 0.0635 0.2139 0.1808 -0.0429 -0.0339 0.0129  11 RKL A C11   
230 N  N11   . RKL B .  ? 0.2541 0.2306 0.2116 -0.1139 -0.0584 -0.0391 11 RKL A N11   
231 C  C12   . RKL B .  ? 0.2379 0.1782 0.1852 -0.0568 -0.0176 -0.0007 11 RKL A C12   
232 N  N12   . RKL B .  ? 0.1094 0.2037 0.2923 -0.0299 -0.0404 0.0519  11 RKL A N12   
233 C  C13   . RKL B .  ? 0.1174 0.1648 0.2136 0.0190  0.0065  0.0407  11 RKL A C13   
234 C  C14   . RKL B .  ? 0.1702 0.1597 0.2162 -0.0100 -0.0137 0.0552  11 RKL A C14   
235 C  C15   . RKL B .  ? 0.1153 0.1415 0.1255 0.0141  -0.0251 0.0250  11 RKL A C15   
236 C  C16   . RKL B .  ? 0.1848 0.1093 0.1994 0.0344  0.0182  0.0323  11 RKL A C16   
237 C  C17   . RKL B .  ? 0.1160 0.1695 0.2127 0.0099  0.0044  0.0354  11 RKL A C17   
238 C  C18   . RKL B .  ? 0.1193 0.1992 0.2907 -0.0080 0.0085  0.0764  11 RKL A C18   
239 C  C19   . RKL B .  ? 0.2445 0.1049 0.2689 -0.0281 -0.0530 0.0188  11 RKL A C19   
240 C  C20   . RKL B .  ? 0.2639 0.1229 0.2025 0.0331  -0.0450 0.1189  11 RKL A C20   
241 C  C21   . RKL B .  ? 0.3139 0.1208 0.2058 0.0342  -0.0901 0.0647  11 RKL A C21   
242 C  C22   . RKL B .  ? 0.2882 0.2186 0.2302 0.0593  -0.0117 0.0541  11 RKL A C22   
243 C  C23   . RKL B .  ? 0.2074 0.2096 0.3007 -0.0356 0.0181  0.0283  11 RKL A C23   
244 C  C24   . RKL B .  ? 0.2720 0.1095 0.2324 0.0553  -0.0445 0.1095  11 RKL A C24   
245 C  C25   . RKL B .  ? 0.2153 0.1100 0.2933 0.0208  -0.0591 0.1041  11 RKL A C25   
246 C  C26   . RKL B .  ? 0.2019 0.2130 0.2799 0.0100  -0.0134 0.0050  11 RKL A C26   
247 C  C27   . RKL B .  ? 0.2709 0.2533 0.1366 -0.0023 -0.0085 0.0253  11 RKL A C27   
248 C  C28   . RKL B .  ? 0.2502 0.2229 0.2679 0.0034  0.0308  0.0618  11 RKL A C28   
249 C  C29   . RKL B .  ? 0.2119 0.1635 0.1498 0.0172  -0.0311 0.0275  11 RKL A C29   
250 C  C30   . RKL B .  ? 0.2754 0.1389 0.1085 0.0278  -0.0514 0.0838  11 RKL A C30   
251 C  C31   . RKL B .  ? 0.2818 0.1967 0.1268 -0.0047 -0.1026 0.0749  11 RKL A C31   
252 C  C32   . RKL B .  ? 0.2569 0.1867 0.1715 0.0150  -0.0636 0.0280  11 RKL A C32   
253 C  C33   . RKL B .  ? 0.1098 0.1700 0.2096 0.0731  -0.0527 0.0507  11 RKL A C33   
254 C  C34   . RKL B .  ? 0.2467 0.1736 0.1786 0.0193  0.0371  0.0199  11 RKL A C34   
255 C  C35   . RKL B .  ? 0.1175 0.1766 0.1594 0.0150  0.0221  -0.0214 11 RKL A C35   
256 C  C36   . RKL B .  ? 0.1814 0.1818 0.1586 -0.0039 -0.0002 -0.0345 11 RKL A C36   
257 C  C37   . RKL B .  ? 0.2191 0.3369 0.1858 -0.0260 -0.0260 -0.0434 11 RKL A C37   
258 C  C38   . RKL B .  ? 0.2567 0.2250 0.2431 -0.1074 -0.0218 -0.0409 11 RKL A C38   
259 RU RU    . RKL C .  ? 0.1682 0.1735 0.1917 0.0026  -0.0017 0.0000  12 RKL A RU    
260 C  C1    . RKL C .  ? 0.0900 0.2134 0.1691 0.0073  0.0690  -0.0690 12 RKL A C1    
261 N  N1    . RKL C .  ? 0.2013 0.1695 0.2255 0.0008  -0.0271 -0.0602 12 RKL A N1    
262 C  C2    . RKL C .  ? 0.1397 0.1482 0.2194 -0.0226 0.0501  -0.0672 12 RKL A C2    
263 N  N2    . RKL C .  ? 0.2019 0.2057 0.1864 -0.0155 0.0028  0.0047  12 RKL A N2    
264 C  C3    . RKL C .  ? 0.1700 0.1284 0.2019 0.0167  0.0208  -0.0004 12 RKL A C3    
265 N  N3    . RKL C .  ? 0.2376 0.2383 0.2866 -0.0219 0.0043  -0.0827 12 RKL A N3    
266 C  C4    . RKL C .  ? 0.1449 0.1821 0.2166 0.0273  -0.0078 -0.0274 12 RKL A C4    
267 N  N4    . RKL C .  ? 0.1776 0.1601 0.2739 -0.0062 0.0299  0.0184  12 RKL A N4    
268 C  C5    . RKL C .  ? 0.1514 0.1281 0.2144 0.0032  0.0655  -0.0016 12 RKL A C5    
269 N  N5    . RKL C .  ? 0.1487 0.1826 0.1957 0.0612  -0.0037 -0.0345 12 RKL A N5    
270 C  C6    . RKL C .  ? 0.1898 0.1648 0.2851 -0.0234 0.0318  0.0071  12 RKL A C6    
271 N  N6    . RKL C .  ? 0.1488 0.1645 0.1809 -0.0035 -0.0033 0.0189  12 RKL A N6    
272 C  C7    . RKL C .  ? 0.1937 0.1647 0.2440 0.0185  0.0106  -0.0023 12 RKL A C7    
273 N  N7    . RKL C .  ? 0.1937 0.1718 0.1039 0.0109  -0.0431 -0.0144 12 RKL A N7    
274 C  C8    . RKL C .  ? 0.1375 0.1696 0.2235 0.0075  -0.0004 -0.0001 12 RKL A C8    
275 N  N8    . RKL C .  ? 0.1191 0.1852 0.1970 -0.0199 -0.0308 0.0147  12 RKL A N8    
276 C  C9    . RKL C .  ? 0.1508 0.1670 0.2614 -0.0096 0.0050  -0.0136 12 RKL A C9    
277 N  N9    . RKL C .  ? 0.1706 0.1693 0.1940 0.0220  -0.0411 -0.0154 12 RKL A N9    
278 C  C10   . RKL C .  ? 0.0961 0.1887 0.1527 -0.0344 -0.0177 -0.0202 12 RKL A C10   
279 N  N10   . RKL C .  ? 0.1975 0.1384 0.2117 0.0100  0.0056  0.0158  12 RKL A N10   
280 C  C11   . RKL C .  ? 0.1440 0.2243 0.1682 0.0113  -0.0304 -0.0010 12 RKL A C11   
281 N  N11   . RKL C .  ? 0.2380 0.1913 0.1709 -0.0167 -0.0181 0.0276  12 RKL A N11   
282 C  C12   . RKL C .  ? 0.1548 0.2207 0.1785 -0.0101 -0.0635 0.0300  12 RKL A C12   
283 N  N12   . RKL C .  ? 0.1950 0.1684 0.2210 0.0243  0.0179  -0.0105 12 RKL A N12   
284 C  C13   . RKL C .  ? 0.1944 0.1914 0.2832 0.0051  0.0203  -0.0223 12 RKL A C13   
285 C  C14   . RKL C .  ? 0.2002 0.2001 0.4109 0.0311  0.0347  0.0339  12 RKL A C14   
286 C  C15   . RKL C .  ? 0.2204 0.1900 0.3530 -0.0229 0.0547  -0.0296 12 RKL A C15   
287 C  C16   . RKL C .  ? 0.1626 0.1853 0.4644 0.0139  0.0341  -0.0172 12 RKL A C16   
288 C  C17   . RKL C .  ? 0.2372 0.2682 0.3541 0.0295  0.0314  -0.0024 12 RKL A C17   
289 C  C18   . RKL C .  ? 0.1197 0.2079 0.4109 -0.0010 0.0055  0.0000  12 RKL A C18   
290 C  C19   . RKL C .  ? 0.1629 0.1438 0.1289 -0.0006 -0.0075 0.0007  12 RKL A C19   
291 C  C20   . RKL C .  ? 0.1219 0.2013 0.1657 -0.0175 -0.0003 0.0195  12 RKL A C20   
292 C  C21   . RKL C .  ? 0.1757 0.1667 0.1926 -0.0158 0.0119  0.0012  12 RKL A C21   
293 C  C22   . RKL C .  ? 0.1557 0.1474 0.1621 0.0235  -0.0080 -0.0220 12 RKL A C22   
294 C  C23   . RKL C .  ? 0.2057 0.1257 0.1278 0.0174  -0.0387 0.0073  12 RKL A C23   
295 C  C24   . RKL C .  ? 0.2147 0.1556 0.1626 -0.0150 -0.0131 0.0102  12 RKL A C24   
296 C  C25   . RKL C .  ? 0.1717 0.1404 0.1791 0.0030  -0.0123 0.0325  12 RKL A C25   
297 C  C26   . RKL C .  ? 0.1509 0.1321 0.1776 0.0193  -0.0416 0.0191  12 RKL A C26   
298 C  C27   . RKL C .  ? 0.1707 0.2007 0.1959 -0.0017 -0.0050 -0.0374 12 RKL A C27   
299 C  C28   . RKL C .  ? 0.1956 0.1881 0.1469 0.0207  0.0235  -0.0049 12 RKL A C28   
300 C  C29   . RKL C .  ? 0.1625 0.1709 0.1940 0.0101  -0.0306 -0.0125 12 RKL A C29   
301 C  C30   . RKL C .  ? 0.1521 0.1382 0.2574 0.0175  0.0222  -0.0221 12 RKL A C30   
302 C  C31   . RKL C .  ? 0.1749 0.1951 0.2282 0.0273  0.0119  -0.0160 12 RKL A C31   
303 C  C32   . RKL C .  ? 0.1842 0.1430 0.2139 -0.0020 -0.0028 0.0118  12 RKL A C32   
304 C  C33   . RKL C .  ? 0.2803 0.1516 0.2118 -0.0012 -0.0107 0.0140  12 RKL A C33   
305 C  C34   . RKL C .  ? 0.1633 0.1953 0.1936 -0.0584 -0.0486 0.0077  12 RKL A C34   
306 C  C35   . RKL C .  ? 0.1474 0.1759 0.1700 -0.0591 -0.0330 0.0072  12 RKL A C35   
307 C  C36   . RKL C .  ? 0.2243 0.2051 0.1421 0.0124  -0.0259 -0.0038 12 RKL A C36   
308 C  C37   . RKL C .  ? 0.2473 0.1888 0.2536 0.0007  -0.0378 -0.0365 12 RKL A C37   
309 C  C38   . RKL C .  ? 0.1856 0.2435 0.1889 0.0480  0.0549  0.0016  12 RKL A C38   
310 BA BA    . BA  D .  ? 0.1906 0.1976 0.1928 0.0141  0.0155  0.0114  13 BA  A BA    
311 O  O     . HOH E .  ? 0.3809 0.2963 0.2498 0.0119  -0.0620 -0.0156 14 HOH A O     
312 O  O     . HOH E .  ? 0.5200 0.2470 0.2012 -0.0351 -0.0242 0.0210  15 HOH A O     
313 O  O     . HOH E .  ? 0.3406 0.2327 0.2504 0.0155  0.0344  0.0094  16 HOH A O     
314 O  O     . HOH E .  ? 0.2710 0.2972 0.3019 0.0152  0.0093  0.0298  17 HOH A O     
315 O  O     . HOH E .  ? 0.2703 0.1946 0.3577 -0.0686 -0.0014 0.0267  18 HOH A O     
316 O  O     . HOH E .  ? 0.2227 0.2647 0.1867 -0.0320 0.0063  0.0288  19 HOH A O     
317 O  O     . HOH E .  ? 0.1964 0.2051 0.1796 0.0091  0.0375  0.0115  20 HOH A O     
318 O  O     . HOH E .  ? 0.1780 0.1511 0.2532 0.0243  0.0212  -0.0094 21 HOH A O     
319 O  O     . HOH E .  ? 0.2841 0.2474 0.3947 0.0721  -0.0634 -0.0505 22 HOH A O     
320 O  O     . HOH E .  ? 0.3186 0.3807 0.3068 0.1098  0.0743  0.0511  23 HOH A O     
321 O  O     . HOH E .  ? 0.2974 0.3062 0.3612 -0.0297 0.0521  -0.0545 24 HOH A O     
322 O  O     . HOH E .  ? 0.2649 0.3177 0.4978 -0.0913 -0.0483 -0.1422 25 HOH A O     
323 O  O     . HOH E .  ? 0.4337 0.2901 0.4752 -0.0725 -0.1011 0.0253  26 HOH A O     
324 O  O     . HOH E .  ? 0.3312 0.3711 0.5987 -0.1140 0.0998  0.1654  27 HOH A O     
325 O  O     . HOH E .  ? 0.2134 0.2079 0.2886 0.0072  0.0243  0.0006  28 HOH A O     
326 O  O     . HOH E .  ? 0.2802 0.2703 0.4222 0.0094  0.0933  0.0154  29 HOH A O     
327 O  O     . HOH E .  ? 0.4251 0.3087 0.4065 0.0560  -0.1662 -0.0171 30 HOH A O     
328 O  O     . HOH E .  ? 0.3555 0.5808 0.4373 0.0037  0.1314  -0.0533 31 HOH A O     
329 O  O     . HOH E .  ? 0.3043 0.2625 0.5545 0.0327  -0.0418 0.0390  32 HOH A O     
330 O  O     . HOH E .  ? 0.4336 0.6124 0.4613 0.1355  0.1093  0.1951  33 HOH A O     
331 O  O     . HOH E .  ? 0.6168 0.3658 0.4050 0.1672  0.1445  0.0537  34 HOH A O     
332 O  O     . HOH E .  ? 0.2805 0.1871 0.3668 0.1001  -0.0334 0.0366  35 HOH A O     
333 O  O     . HOH E .  ? 0.1368 0.1768 0.2149 -0.0603 -0.0503 0.0774  36 HOH A O     
334 O  O     . HOH E .  ? 0.2239 0.3130 0.2218 0.0092  0.0178  -0.0289 37 HOH A O     
335 O  O     . HOH E .  ? 0.3181 0.3079 0.6315 0.0775  -0.1887 -0.0998 38 HOH A O     
336 O  O     . HOH E .  ? 0.2847 0.7045 0.4487 0.0627  0.0856  0.2451  39 HOH A O     
337 O  O     . HOH E .  ? 0.3153 0.5104 0.6710 -0.0816 -0.1323 -0.0830 40 HOH A O     
338 O  O     . HOH E .  ? 0.5039 0.2916 0.3995 -0.0009 -0.1501 0.0563  41 HOH A O     
339 O  O     . HOH E .  ? 0.2109 0.4022 0.4884 -0.0949 -0.0462 -0.0572 42 HOH A O     
340 O  O     . HOH E .  ? 0.4669 0.3936 0.6255 -0.1149 0.0419  0.0911  43 HOH A O     
341 O  O     . HOH E .  ? 0.3564 0.2955 0.7424 -0.0180 -0.2553 0.0766  44 HOH A O     
342 O  O     . HOH E .  ? 0.2128 0.2364 0.2001 0.0220  0.0409  0.0260  45 HOH A O     
343 O  O     . HOH E .  ? 0.4513 0.2626 0.4338 -0.1366 -0.1040 0.0433  46 HOH A O     
344 O  O     . HOH E .  ? 0.3993 0.2947 0.5687 -0.0648 -0.1638 -0.0796 47 HOH A O     
345 O  O     . HOH E .  ? 0.5137 0.4875 0.4634 -0.0705 0.1063  0.0351  48 HOH A O     
346 O  O     . HOH E .  ? 0.2355 0.2251 0.2020 -0.0022 -0.0481 -0.0600 49 HOH A O     
347 O  O     . HOH E .  ? 0.2294 0.3707 0.2851 -0.0340 0.0485  -0.0945 50 HOH A O     
348 O  O     . HOH E .  ? 0.2605 0.2865 0.2942 0.0478  0.0179  -0.0538 51 HOH A O     
349 O  O     . HOH E .  ? 0.5104 0.5872 0.4104 -0.1318 -0.0530 0.0103  52 HOH A O     
350 O  O     . HOH E .  ? 0.3866 0.3823 0.4490 0.0511  -0.0837 0.0076  53 HOH A O     
351 O  O     . HOH E .  ? 0.3738 0.3728 0.3327 -0.0262 -0.0068 -0.0504 54 HOH A O     
352 O  O     . HOH E .  ? 0.2751 0.3150 0.3241 -0.0121 0.0412  0.0416  55 HOH A O     
353 O  O     . HOH E .  ? 0.3131 0.4149 0.6374 -0.0129 -0.1215 0.1802  56 HOH A O     
354 O  O     . HOH E .  ? 0.2667 0.2807 0.3232 0.0746  0.0200  0.0101  57 HOH A O     
355 O  O     . HOH E .  ? 0.3733 0.3803 0.5307 -0.0243 0.0069  -0.0256 58 HOH A O     
356 O  O     . HOH E .  ? 0.5241 0.4189 0.3594 0.1179  -0.1013 -0.1241 59 HOH A O     
357 O  O     . HOH E .  ? 0.8083 0.5698 0.3822 0.0219  -0.0095 -0.2106 60 HOH A O     
358 O  O     . HOH E .  ? 0.2361 0.2356 0.3136 -0.0315 -0.0101 -0.0490 61 HOH A O     
359 O  O     . HOH E .  ? 1.4390 0.4049 0.4774 -0.0692 -0.3160 -0.0625 62 HOH A O     
360 O  O     . HOH E .  ? 0.4834 0.7125 0.2594 0.2566  -0.0494 0.0439  66 HOH A O     
361 O  O     . HOH E .  ? 0.9132 0.4403 0.3230 -0.0663 -0.1802 0.0438  67 HOH A O     
362 O  O     . HOH E .  ? 0.2392 0.2031 0.2399 0.0302  -0.0134 -0.0189 72 HOH A O     
363 O  O     . HOH E .  ? 0.4378 0.6520 0.6560 -0.1441 0.0071  -0.2576 73 HOH A O     
364 O  O     . HOH E .  ? 0.3833 0.6177 0.3143 -0.0661 0.0245  -0.0836 74 HOH A O     
365 O  O     . HOH E .  ? 0.1112 0.1982 0.1791 -0.0043 -0.0205 0.0018  75 HOH A O     
366 O  O     . HOH E .  ? 0.5379 0.5051 0.4157 -0.1007 -0.0471 0.1506  76 HOH A O     
367 O  O     . HOH E .  ? 0.6121 0.4733 0.5224 0.0855  -0.1492 -0.1139 78 HOH A O     
368 O  O     . HOH E .  ? 0.5025 0.5268 0.4456 -0.0151 -0.0657 -0.0755 79 HOH A O     
369 O  O     . HOH E .  ? 0.4854 0.5608 0.3601 -0.0270 -0.0099 -0.1208 80 HOH A O     
370 O  O     . HOH E .  ? 0.5815 0.6589 0.6840 -0.1072 0.0385  -0.0470 81 HOH A O     
371 O  O     . HOH E .  ? 0.6416 0.5713 0.5005 -0.0282 -0.1405 -0.0990 82 HOH A O     
372 O  O     . HOH E .  ? 0.4468 0.6256 0.5602 -0.1128 -0.1277 -0.0585 83 HOH A O     
373 O  O     . HOH E .  ? 0.6706 0.4776 0.5653 -0.0248 -0.0828 -0.0520 84 HOH A O     
374 O  O     . HOH E .  ? 0.5516 0.4420 0.6767 0.1216  0.0981  -0.0616 85 HOH A O     
375 O  O     . HOH E .  ? 0.6664 0.3287 0.5941 0.1232  -0.0299 0.0046  86 HOH A O     
376 O  O     . HOH E .  ? 0.7120 0.5455 0.5319 0.0658  -0.0745 0.0528  87 HOH A O     
# 
